data_4QFG
#
_entry.id   4QFG
#
_cell.length_a   124.370
_cell.length_b   124.370
_cell.length_c   404.060
_cell.angle_alpha   90.00
_cell.angle_beta   90.00
_cell.angle_gamma   120.00
#
_symmetry.space_group_name_H-M   'P 61 2 2'
#
loop_
_entity.id
_entity.type
_entity.pdbx_description
1 polymer "5'-AMP-activated protein kinase catalytic subunit alpha-1"
2 polymer "5'-AMP-activated protein kinase subunit beta-1"
3 polymer "5'-AMP-activated protein kinase subunit gamma-1"
4 non-polymer STAUROSPORINE
5 non-polymer 'CHLORIDE ION'
6 non-polymer 'SULFATE ION'
7 non-polymer 'ADENOSINE MONOPHOSPHATE'
#
loop_
_entity_poly.entity_id
_entity_poly.type
_entity_poly.pdbx_seq_one_letter_code
_entity_poly.pdbx_strand_id
1 'polypeptide(L)'
;GATAEKQKHDGRVKIGHYILGDTLGVGTFGKVKVGKHELTGHKVAVKILNRQKIRSLDVVGKIRREIQNLKLFRHPHIIK
LYQVISTPSDIFMVMEYVSGGELFDYICKNGRLDEKESRRLFQQILSGVDYCHRHMVVHRDLKPENVLLDAHMNAKIADF
GLSNMMSDGEFLR(TPO)SCGSPNYAAPEVISGRLYAGPEVDIWSSGVILYALLCGTLPFDDDHVPTLFKKICDGIFYTP
QYLNPSVISLLKHMLQVDPMKRATIKDIREHEWFKQDLPKYLFPEDPSYSSTMIDDEALKEVCEKFECSEEEVLSCLYNR
NHQDPLAVAYHLIIDNRRIMNEAKDFYLATSPPDSFLDDHHLTRPHPERVPFLVAETPRARHTLDELNPQKSKHQGVRKA
KWHLGIRSQSRPNDIMAEVCRAIKQLDYEWKVVNPYYLRVRRKNPVTSTFSKMSLQLYQVDSRTYLLDFRSIDDEASGGP
GGSAPRPGSHTIEFFEMCANLIKILAQ
;
A
2 'polypeptide(L)'
;MEVNEKAPAQARPTVFRWTGGGKEVYLSGSFNNWSKLPLTRDQNNFVAILDLPEGEHQYKFFVDGQWTHDPSEPIVTSQL
GTVNNIIQVKKTDFEVFDALMVDSQKCSDVSELSSSPPGPYHQEPYISKPEERFKAPPILPPHLLQVILNKDTGISCDPA
LLPEPNHVMLNHLYALSIKDGVMVLSATHRYKKKYVTTLLYKPI
;
B
3 'polypeptide(L)'
;MESVAAESAPAPENEHSQETPESNSSVYTTFMKSHRCYDLIPTSSKLVVFDTSLQVKKAFFALVTNGVRAAPLWDSKKQS
FVGMLTITDFINILHRYYKSALVQIYELEEHKIETWREVYLQDSFKPLVCISPNASLFDAVSSLIRNKIHRLPVIDPESG
NTLYILTHKRILKFLKLFITEFPKPEFMSKSLEELQIGTYANIAMVRTTTPVYVALGIFVQHRVSALPVVDEKGRVVDIY
SKFDVINLAAEKTYNNLDVSVTKALQHRSHYFEGVLKCYLHETLEAIINRLVEAEVHRLVVVDEHDVVKGIVSLSDILQA
LVLTGGEKKP
;
C
#
loop_
_chem_comp.id
_chem_comp.type
_chem_comp.name
_chem_comp.formula
AMP non-polymer 'ADENOSINE MONOPHOSPHATE' 'C10 H14 N5 O7 P'
CL non-polymer 'CHLORIDE ION' 'Cl -1'
SO4 non-polymer 'SULFATE ION' 'O4 S -2'
STU non-polymer STAUROSPORINE 'C28 H26 N4 O3'
#
# COMPACT_ATOMS: atom_id res chain seq x y z
N GLY A 11 20.13 -27.55 -41.55
CA GLY A 11 19.21 -27.80 -40.45
C GLY A 11 19.67 -27.22 -39.13
N ARG A 12 19.91 -25.87 -39.13
CA ARG A 12 20.39 -25.04 -38.00
C ARG A 12 19.29 -24.85 -36.92
N VAL A 13 19.68 -24.82 -35.61
CA VAL A 13 18.75 -24.64 -34.49
C VAL A 13 18.13 -23.26 -34.50
N LYS A 14 16.79 -23.22 -34.56
CA LYS A 14 16.05 -21.95 -34.58
C LYS A 14 14.70 -22.04 -33.91
N ILE A 15 14.27 -20.94 -33.26
CA ILE A 15 12.96 -20.83 -32.62
C ILE A 15 12.19 -19.90 -33.52
N GLY A 16 11.43 -20.48 -34.44
CA GLY A 16 10.68 -19.71 -35.42
C GLY A 16 11.62 -19.16 -36.47
N HIS A 17 11.59 -17.84 -36.72
CA HIS A 17 12.49 -17.25 -37.70
C HIS A 17 13.79 -16.75 -37.10
N TYR A 18 13.96 -16.90 -35.78
CA TYR A 18 15.19 -16.53 -35.12
C TYR A 18 16.17 -17.65 -35.14
N ILE A 19 17.24 -17.52 -35.94
CA ILE A 19 18.28 -18.53 -35.96
C ILE A 19 19.12 -18.31 -34.69
N LEU A 20 19.18 -19.33 -33.84
CA LEU A 20 19.94 -19.23 -32.60
C LEU A 20 21.43 -19.27 -32.90
N GLY A 21 22.19 -18.52 -32.11
CA GLY A 21 23.63 -18.45 -32.22
C GLY A 21 24.36 -18.74 -30.92
N ASP A 22 25.41 -17.93 -30.65
CA ASP A 22 26.28 -18.02 -29.49
C ASP A 22 25.56 -17.89 -28.16
N THR A 23 26.07 -18.56 -27.14
CA THR A 23 25.49 -18.50 -25.81
C THR A 23 26.14 -17.32 -25.14
N LEU A 24 25.41 -16.22 -24.89
CA LEU A 24 26.07 -15.08 -24.27
C LEU A 24 26.16 -15.21 -22.75
N GLY A 25 25.40 -16.11 -22.15
CA GLY A 25 25.52 -16.32 -20.72
C GLY A 25 24.79 -17.53 -20.19
N VAL A 26 24.95 -17.82 -18.89
CA VAL A 26 24.27 -18.96 -18.29
C VAL A 26 23.03 -18.51 -17.45
N GLY A 27 22.96 -17.23 -17.02
CA GLY A 27 21.82 -16.67 -16.28
C GLY A 27 21.54 -17.23 -14.90
N THR A 28 20.53 -16.65 -14.18
CA THR A 28 20.16 -17.14 -12.83
C THR A 28 19.43 -18.45 -13.03
N PHE A 29 18.65 -18.54 -14.11
CA PHE A 29 17.94 -19.76 -14.39
C PHE A 29 18.48 -20.49 -15.64
N GLY A 30 18.18 -19.98 -16.84
CA GLY A 30 18.60 -20.68 -18.06
C GLY A 30 19.61 -20.03 -18.97
N LYS A 31 20.11 -20.83 -19.94
CA LYS A 31 21.07 -20.47 -21.00
C LYS A 31 20.52 -19.30 -21.81
N VAL A 32 21.30 -18.22 -21.97
CA VAL A 32 20.86 -17.10 -22.81
C VAL A 32 21.66 -17.11 -24.13
N LYS A 33 20.96 -17.39 -25.26
CA LYS A 33 21.53 -17.46 -26.61
C LYS A 33 21.05 -16.25 -27.46
N VAL A 34 21.75 -15.95 -28.59
CA VAL A 34 21.33 -14.86 -29.51
C VAL A 34 20.44 -15.44 -30.57
N GLY A 35 19.58 -14.60 -31.15
CA GLY A 35 18.67 -14.98 -32.22
C GLY A 35 18.64 -13.96 -33.34
N LYS A 36 19.35 -14.19 -34.45
CA LYS A 36 19.30 -13.25 -35.56
C LYS A 36 18.20 -13.72 -36.52
N HIS A 37 17.20 -12.85 -36.75
CA HIS A 37 16.05 -13.14 -37.61
C HIS A 37 16.44 -13.45 -39.07
N GLU A 38 15.98 -14.61 -39.54
CA GLU A 38 16.16 -15.13 -40.91
C GLU A 38 15.91 -14.06 -41.98
N LEU A 39 14.79 -13.29 -41.85
CA LEU A 39 14.35 -12.27 -42.79
C LEU A 39 14.81 -10.83 -42.49
N THR A 40 14.68 -10.38 -41.26
CA THR A 40 14.95 -8.99 -40.90
C THR A 40 16.31 -8.71 -40.24
N GLY A 41 17.05 -9.76 -39.93
CA GLY A 41 18.34 -9.62 -39.26
C GLY A 41 18.27 -9.11 -37.82
N HIS A 42 17.03 -8.93 -37.28
CA HIS A 42 16.80 -8.46 -35.91
C HIS A 42 17.27 -9.48 -34.89
N LYS A 43 18.16 -9.05 -33.96
CA LYS A 43 18.73 -9.91 -32.91
C LYS A 43 17.98 -9.79 -31.59
N VAL A 44 17.74 -10.93 -30.95
CA VAL A 44 17.08 -11.05 -29.64
C VAL A 44 17.92 -11.93 -28.73
N ALA A 45 17.72 -11.80 -27.42
CA ALA A 45 18.36 -12.66 -26.42
C ALA A 45 17.29 -13.65 -25.96
N VAL A 46 17.63 -14.94 -25.89
CA VAL A 46 16.66 -15.99 -25.55
C VAL A 46 17.07 -16.77 -24.31
N LYS A 47 16.33 -16.60 -23.20
CA LYS A 47 16.56 -17.39 -22.00
C LYS A 47 15.87 -18.76 -22.21
N ILE A 48 16.63 -19.83 -22.21
CA ILE A 48 16.07 -21.17 -22.44
C ILE A 48 15.95 -21.90 -21.08
N LEU A 49 14.75 -21.87 -20.48
CA LEU A 49 14.53 -22.56 -19.21
C LEU A 49 14.17 -23.98 -19.53
N ASN A 50 15.08 -24.93 -19.25
CA ASN A 50 14.83 -26.34 -19.52
C ASN A 50 13.84 -26.94 -18.54
N ARG A 51 12.65 -27.26 -19.04
CA ARG A 51 11.57 -27.87 -18.25
C ARG A 51 12.00 -29.15 -17.50
N GLN A 52 13.08 -29.82 -17.95
CA GLN A 52 13.61 -31.03 -17.31
C GLN A 52 14.33 -30.68 -16.01
N LYS A 53 14.82 -29.45 -15.93
CA LYS A 53 15.58 -28.94 -14.78
C LYS A 53 14.69 -28.13 -13.88
N ILE A 54 13.67 -27.43 -14.46
CA ILE A 54 12.77 -26.59 -13.67
C ILE A 54 11.79 -27.46 -12.91
N ARG A 55 11.40 -28.62 -13.50
CA ARG A 55 10.50 -29.62 -12.90
C ARG A 55 11.12 -30.07 -11.57
N SER A 56 12.44 -30.35 -11.63
CA SER A 56 13.34 -30.78 -10.57
C SER A 56 13.03 -30.19 -9.16
N LEU A 57 13.13 -28.85 -9.01
CA LEU A 57 12.94 -28.19 -7.73
C LEU A 57 11.52 -27.69 -7.51
N ASP A 58 11.40 -26.66 -6.68
CA ASP A 58 10.17 -25.94 -6.38
C ASP A 58 10.51 -24.44 -6.61
N VAL A 59 11.50 -24.26 -7.54
CA VAL A 59 12.01 -23.01 -8.12
C VAL A 59 10.99 -22.63 -9.21
N VAL A 60 10.05 -23.56 -9.48
CA VAL A 60 8.94 -23.42 -10.41
C VAL A 60 8.21 -22.10 -10.10
N GLY A 61 8.16 -21.76 -8.82
CA GLY A 61 7.57 -20.51 -8.35
C GLY A 61 8.47 -19.33 -8.67
N LYS A 62 9.79 -19.50 -8.39
CA LYS A 62 10.82 -18.48 -8.61
C LYS A 62 10.97 -18.11 -10.09
N ILE A 63 10.51 -19.01 -11.01
CA ILE A 63 10.54 -18.73 -12.44
C ILE A 63 9.18 -18.20 -12.89
N ARG A 64 8.08 -18.54 -12.19
CA ARG A 64 6.78 -17.97 -12.54
C ARG A 64 6.73 -16.53 -12.06
N ARG A 65 7.55 -16.22 -11.04
CA ARG A 65 7.78 -14.90 -10.42
C ARG A 65 8.52 -14.02 -11.43
N GLU A 66 9.67 -14.51 -11.98
CA GLU A 66 10.43 -13.76 -12.98
C GLU A 66 9.53 -13.43 -14.17
N ILE A 67 8.83 -14.45 -14.72
CA ILE A 67 7.95 -14.28 -15.88
C ILE A 67 6.89 -13.23 -15.60
N GLN A 68 6.08 -13.44 -14.53
CA GLN A 68 4.98 -12.57 -14.16
C GLN A 68 5.38 -11.12 -13.94
N ASN A 69 6.44 -10.88 -13.13
CA ASN A 69 6.94 -9.54 -12.79
C ASN A 69 7.30 -8.71 -14.04
N LEU A 70 8.28 -9.22 -14.78
CA LEU A 70 8.87 -8.71 -16.00
C LEU A 70 7.87 -8.48 -17.13
N LYS A 71 6.78 -9.27 -17.15
CA LYS A 71 5.75 -9.22 -18.18
C LYS A 71 5.24 -7.81 -18.46
N LEU A 72 4.62 -7.17 -17.48
CA LEU A 72 4.02 -5.88 -17.73
C LEU A 72 5.00 -4.69 -17.86
N PHE A 73 6.28 -4.82 -17.45
CA PHE A 73 7.27 -3.73 -17.54
C PHE A 73 7.56 -3.26 -18.95
N ARG A 74 7.93 -1.96 -19.08
CA ARG A 74 8.36 -1.25 -20.29
C ARG A 74 9.03 0.08 -19.89
N HIS A 75 10.33 -0.03 -19.55
CA HIS A 75 11.19 1.06 -19.13
C HIS A 75 12.42 1.12 -20.10
N PRO A 76 13.00 2.32 -20.35
CA PRO A 76 14.15 2.41 -21.27
C PRO A 76 15.46 1.81 -20.79
N HIS A 77 15.57 1.49 -19.48
CA HIS A 77 16.79 0.98 -18.90
C HIS A 77 16.58 -0.32 -18.18
N ILE A 78 15.56 -1.11 -18.63
CA ILE A 78 15.25 -2.48 -18.18
C ILE A 78 15.13 -3.35 -19.44
N ILE A 79 16.01 -4.38 -19.58
CA ILE A 79 15.97 -5.29 -20.73
C ILE A 79 14.54 -5.83 -20.88
N LYS A 80 13.86 -5.43 -22.01
CA LYS A 80 12.48 -5.76 -22.40
C LYS A 80 12.18 -7.26 -22.64
N LEU A 81 11.00 -7.77 -22.16
CA LEU A 81 10.59 -9.17 -22.42
C LEU A 81 9.65 -9.17 -23.62
N TYR A 82 10.17 -9.54 -24.80
CA TYR A 82 9.39 -9.54 -26.03
C TYR A 82 8.29 -10.60 -26.02
N GLN A 83 8.63 -11.85 -25.62
CA GLN A 83 7.72 -12.98 -25.53
C GLN A 83 8.23 -14.06 -24.60
N VAL A 84 7.34 -14.95 -24.19
CA VAL A 84 7.61 -16.13 -23.37
C VAL A 84 6.79 -17.24 -24.02
N ILE A 85 7.49 -18.20 -24.66
CA ILE A 85 6.81 -19.29 -25.38
C ILE A 85 7.11 -20.65 -24.77
N SER A 86 6.04 -21.39 -24.42
CA SER A 86 6.18 -22.71 -23.80
C SER A 86 5.99 -23.87 -24.77
N THR A 87 6.97 -24.78 -24.77
CA THR A 87 7.01 -26.00 -25.59
C THR A 87 7.10 -27.23 -24.64
N PRO A 88 6.87 -28.51 -25.09
CA PRO A 88 7.00 -29.65 -24.15
C PRO A 88 8.39 -29.73 -23.55
N SER A 89 9.38 -29.37 -24.36
CA SER A 89 10.78 -29.38 -24.02
C SER A 89 11.24 -28.30 -23.06
N ASP A 90 11.04 -27.01 -23.41
CA ASP A 90 11.54 -25.86 -22.63
C ASP A 90 10.57 -24.68 -22.58
N ILE A 91 10.95 -23.62 -21.82
CA ILE A 91 10.26 -22.31 -21.77
C ILE A 91 11.26 -21.26 -22.25
N PHE A 92 10.91 -20.58 -23.35
CA PHE A 92 11.75 -19.58 -23.98
C PHE A 92 11.26 -18.25 -23.56
N MET A 93 12.19 -17.34 -23.31
CA MET A 93 11.92 -15.96 -22.96
C MET A 93 12.68 -15.10 -23.95
N VAL A 94 12.00 -14.67 -25.02
CA VAL A 94 12.55 -13.79 -26.05
C VAL A 94 12.63 -12.37 -25.44
N MET A 95 13.81 -11.73 -25.50
CA MET A 95 14.05 -10.40 -24.90
C MET A 95 14.83 -9.52 -25.86
N GLU A 96 14.93 -8.20 -25.56
CA GLU A 96 15.73 -7.28 -26.36
C GLU A 96 17.22 -7.55 -26.19
N TYR A 97 17.98 -7.58 -27.32
CA TYR A 97 19.41 -7.83 -27.30
C TYR A 97 20.21 -6.53 -27.43
N VAL A 98 21.30 -6.42 -26.66
CA VAL A 98 22.19 -5.24 -26.65
C VAL A 98 23.65 -5.66 -26.94
N SER A 99 24.31 -4.97 -27.88
CA SER A 99 25.67 -5.26 -28.33
C SER A 99 26.81 -5.02 -27.32
N GLY A 100 26.59 -4.15 -26.33
CA GLY A 100 27.63 -3.76 -25.38
C GLY A 100 27.99 -4.68 -24.23
N GLY A 101 27.15 -5.68 -23.97
CA GLY A 101 27.39 -6.65 -22.91
C GLY A 101 27.42 -6.06 -21.51
N GLU A 102 28.21 -6.71 -20.61
CA GLU A 102 28.35 -6.36 -19.20
C GLU A 102 29.00 -5.02 -18.94
N LEU A 103 28.34 -4.22 -18.06
CA LEU A 103 28.85 -2.92 -17.64
C LEU A 103 30.10 -3.21 -16.84
N PHE A 104 30.14 -4.40 -16.21
CA PHE A 104 31.24 -4.94 -15.44
C PHE A 104 32.46 -5.02 -16.34
N ASP A 105 32.36 -5.75 -17.46
CA ASP A 105 33.43 -5.90 -18.42
C ASP A 105 33.84 -4.56 -18.99
N TYR A 106 32.90 -3.62 -19.17
CA TYR A 106 33.28 -2.28 -19.62
C TYR A 106 34.20 -1.60 -18.60
N ILE A 107 33.87 -1.68 -17.30
CA ILE A 107 34.68 -1.10 -16.22
C ILE A 107 36.02 -1.82 -16.19
N CYS A 108 36.05 -3.14 -16.36
CA CYS A 108 37.30 -3.90 -16.38
C CYS A 108 38.20 -3.45 -17.51
N LYS A 109 37.67 -3.46 -18.74
CA LYS A 109 38.39 -3.19 -19.99
C LYS A 109 38.78 -1.73 -20.12
N ASN A 110 37.83 -0.82 -19.94
CA ASN A 110 38.11 0.62 -19.92
C ASN A 110 38.48 0.91 -18.48
N GLY A 111 38.55 2.16 -18.04
CA GLY A 111 38.94 2.39 -16.65
C GLY A 111 37.76 2.57 -15.73
N ARG A 112 37.92 3.49 -14.76
CA ARG A 112 36.81 3.94 -13.93
C ARG A 112 36.12 4.98 -14.81
N LEU A 113 34.84 5.20 -14.63
CA LEU A 113 34.12 6.18 -15.44
C LEU A 113 34.30 7.59 -14.85
N ASP A 114 34.40 8.60 -15.74
CA ASP A 114 34.56 9.98 -15.34
C ASP A 114 33.26 10.48 -14.68
N GLU A 115 33.36 11.46 -13.76
CA GLU A 115 32.23 12.01 -12.99
C GLU A 115 30.94 12.19 -13.79
N LYS A 116 31.08 12.73 -15.03
CA LYS A 116 29.97 13.01 -15.95
C LYS A 116 29.35 11.71 -16.43
N GLU A 117 30.20 10.79 -16.91
CA GLU A 117 29.77 9.48 -17.39
C GLU A 117 29.20 8.61 -16.29
N SER A 118 29.87 8.61 -15.12
CA SER A 118 29.48 7.87 -13.94
C SER A 118 28.05 8.22 -13.56
N ARG A 119 27.75 9.53 -13.49
CA ARG A 119 26.44 10.06 -13.16
C ARG A 119 25.42 9.68 -14.21
N ARG A 120 25.73 9.89 -15.52
CA ARG A 120 24.86 9.59 -16.67
C ARG A 120 24.30 8.20 -16.54
N LEU A 121 25.19 7.21 -16.34
CA LEU A 121 24.86 5.80 -16.17
C LEU A 121 24.14 5.54 -14.86
N PHE A 122 24.53 6.24 -13.79
CA PHE A 122 23.89 6.05 -12.50
C PHE A 122 22.42 6.48 -12.55
N GLN A 123 22.14 7.63 -13.16
CA GLN A 123 20.77 8.16 -13.31
C GLN A 123 19.86 7.14 -13.98
N GLN A 124 20.41 6.45 -15.00
CA GLN A 124 19.73 5.41 -15.79
C GLN A 124 19.43 4.17 -14.95
N ILE A 125 20.46 3.63 -14.23
CA ILE A 125 20.29 2.46 -13.34
C ILE A 125 19.28 2.81 -12.26
N LEU A 126 19.46 3.96 -11.59
CA LEU A 126 18.48 4.34 -10.59
C LEU A 126 17.07 4.52 -11.18
N SER A 127 16.97 5.07 -12.41
CA SER A 127 15.69 5.23 -13.10
C SER A 127 14.96 3.88 -13.20
N GLY A 128 15.64 2.86 -13.74
CA GLY A 128 15.10 1.51 -13.88
C GLY A 128 14.68 0.93 -12.55
N VAL A 129 15.57 1.07 -11.53
CA VAL A 129 15.39 0.59 -10.14
C VAL A 129 14.17 1.24 -9.51
N ASP A 130 13.90 2.50 -9.87
CA ASP A 130 12.73 3.21 -9.35
C ASP A 130 11.47 2.60 -9.93
N TYR A 131 11.41 2.49 -11.28
CA TYR A 131 10.29 1.90 -12.02
C TYR A 131 9.92 0.57 -11.41
N CYS A 132 10.94 -0.24 -11.05
CA CYS A 132 10.76 -1.55 -10.45
C CYS A 132 9.99 -1.45 -9.17
N HIS A 133 10.50 -0.66 -8.22
CA HIS A 133 9.89 -0.48 -6.92
C HIS A 133 8.47 0.10 -7.02
N ARG A 134 8.26 1.06 -7.96
CA ARG A 134 6.99 1.73 -8.28
C ARG A 134 5.95 0.70 -8.72
N HIS A 135 6.40 -0.53 -9.06
CA HIS A 135 5.57 -1.64 -9.49
C HIS A 135 5.65 -2.77 -8.49
N MET A 136 6.06 -2.44 -7.25
CA MET A 136 6.19 -3.39 -6.14
C MET A 136 7.06 -4.59 -6.52
N VAL A 137 8.06 -4.37 -7.36
CA VAL A 137 9.00 -5.41 -7.77
C VAL A 137 10.35 -4.98 -7.26
N VAL A 138 11.10 -5.92 -6.70
CA VAL A 138 12.39 -5.56 -6.16
C VAL A 138 13.41 -6.59 -6.66
N HIS A 139 14.24 -6.18 -7.62
CA HIS A 139 15.30 -6.96 -8.24
C HIS A 139 16.41 -7.11 -7.20
N ARG A 140 16.34 -8.12 -6.33
CA ARG A 140 17.48 -8.32 -5.44
C ARG A 140 18.56 -8.80 -6.45
N ASP A 141 19.88 -8.66 -6.16
CA ASP A 141 20.97 -9.09 -7.11
C ASP A 141 21.27 -8.03 -8.23
N LEU A 142 21.35 -6.77 -7.82
CA LEU A 142 21.68 -5.67 -8.68
C LEU A 142 23.24 -5.53 -8.64
N LYS A 143 23.92 -5.83 -9.78
CA LYS A 143 25.38 -5.74 -9.92
C LYS A 143 25.80 -5.30 -11.33
N PRO A 144 27.01 -4.71 -11.58
CA PRO A 144 27.37 -4.33 -12.97
C PRO A 144 27.41 -5.51 -13.95
N GLU A 145 27.50 -6.75 -13.41
CA GLU A 145 27.45 -8.00 -14.14
C GLU A 145 26.02 -8.18 -14.73
N ASN A 146 24.98 -7.65 -14.03
CA ASN A 146 23.58 -7.70 -14.50
C ASN A 146 23.11 -6.34 -15.03
N VAL A 147 24.02 -5.42 -15.32
CA VAL A 147 23.64 -4.16 -15.94
C VAL A 147 24.31 -4.17 -17.31
N LEU A 148 23.49 -4.22 -18.37
CA LEU A 148 24.04 -4.34 -19.71
C LEU A 148 24.07 -3.01 -20.44
N LEU A 149 24.94 -2.91 -21.46
CA LEU A 149 25.12 -1.68 -22.24
C LEU A 149 24.65 -1.91 -23.67
N ASP A 150 24.08 -0.88 -24.31
CA ASP A 150 23.67 -1.03 -25.70
C ASP A 150 24.75 -0.40 -26.57
N ALA A 151 24.52 -0.29 -27.88
CA ALA A 151 25.48 0.30 -28.82
C ALA A 151 25.97 1.72 -28.43
N HIS A 152 25.07 2.59 -27.94
CA HIS A 152 25.39 3.97 -27.52
C HIS A 152 25.46 4.04 -25.98
N MET A 153 25.71 2.88 -25.40
CA MET A 153 25.83 2.52 -23.99
C MET A 153 24.89 3.28 -23.02
N ASN A 154 23.63 2.82 -23.08
CA ASN A 154 22.54 3.14 -22.18
C ASN A 154 22.46 1.87 -21.31
N ALA A 155 22.38 2.06 -19.99
CA ALA A 155 22.28 0.97 -19.02
C ALA A 155 20.98 0.20 -19.25
N LYS A 156 20.99 -1.09 -18.97
CA LYS A 156 19.81 -1.95 -19.12
C LYS A 156 19.83 -3.03 -18.02
N ILE A 157 18.84 -3.00 -17.09
CA ILE A 157 18.79 -3.96 -15.98
C ILE A 157 18.36 -5.36 -16.54
N ALA A 158 19.01 -6.49 -16.09
CA ALA A 158 18.74 -7.76 -16.77
C ALA A 158 18.37 -9.06 -15.96
N ASP A 159 18.81 -9.34 -14.73
CA ASP A 159 18.35 -10.67 -14.29
C ASP A 159 17.29 -10.68 -13.21
N PHE A 160 16.01 -10.78 -13.61
CA PHE A 160 14.95 -10.72 -12.61
C PHE A 160 14.61 -12.07 -11.97
N GLY A 161 15.56 -13.01 -12.01
CA GLY A 161 15.39 -14.34 -11.43
C GLY A 161 15.35 -14.26 -9.92
N LEU A 162 16.22 -13.41 -9.36
CA LEU A 162 16.28 -13.16 -7.93
C LEU A 162 15.38 -12.00 -7.48
N SER A 163 14.62 -11.41 -8.40
CA SER A 163 13.62 -10.40 -8.08
C SER A 163 12.42 -11.02 -7.30
N ASN A 164 11.62 -10.16 -6.65
CA ASN A 164 10.43 -10.52 -5.88
C ASN A 164 9.37 -9.40 -5.77
N MET A 165 8.10 -9.80 -5.67
CA MET A 165 6.93 -8.96 -5.58
C MET A 165 6.67 -8.54 -4.13
N MET A 166 6.75 -7.23 -3.82
CA MET A 166 6.48 -6.65 -2.49
C MET A 166 5.01 -6.70 -2.14
N SER A 167 4.71 -7.18 -0.93
CA SER A 167 3.33 -7.35 -0.48
C SER A 167 2.93 -6.35 0.57
N ASP A 168 1.65 -5.92 0.55
CA ASP A 168 1.09 -5.00 1.54
C ASP A 168 1.12 -5.64 2.93
N GLY A 169 1.90 -5.03 3.80
CA GLY A 169 2.11 -5.44 5.18
C GLY A 169 3.02 -6.64 5.36
N GLU A 170 3.87 -6.94 4.36
CA GLU A 170 4.80 -8.08 4.42
C GLU A 170 6.25 -7.77 3.99
N PHE A 171 7.18 -8.40 4.72
CA PHE A 171 8.64 -8.33 4.56
C PHE A 171 9.12 -9.50 3.68
N LEU A 172 10.44 -9.57 3.40
CA LEU A 172 11.01 -10.68 2.62
C LEU A 172 12.35 -11.14 3.20
N ARG A 173 12.59 -12.49 3.26
CA ARG A 173 13.78 -13.10 3.87
C ARG A 173 14.91 -13.44 2.91
N TPO A 174 14.63 -14.29 1.89
CA TPO A 174 15.58 -14.78 0.87
CB TPO A 174 14.84 -15.00 -0.49
CG2 TPO A 174 15.65 -15.56 -1.70
OG1 TPO A 174 13.65 -15.79 -0.27
P TPO A 174 12.41 -15.07 -0.87
O1P TPO A 174 12.27 -15.82 -2.25
O2P TPO A 174 12.45 -13.53 -0.98
O3P TPO A 174 11.16 -15.11 0.05
C TPO A 174 16.82 -13.86 0.79
O TPO A 174 16.76 -12.79 0.18
N SER A 175 17.89 -14.23 1.47
CA SER A 175 19.10 -13.44 1.46
C SER A 175 19.89 -13.82 0.24
N CYS A 176 19.62 -13.13 -0.88
CA CYS A 176 20.20 -13.43 -2.18
C CYS A 176 21.01 -12.26 -2.81
N GLY A 177 21.83 -12.61 -3.80
CA GLY A 177 22.70 -11.69 -4.54
C GLY A 177 24.15 -11.87 -4.18
N SER A 178 25.06 -11.41 -5.05
CA SER A 178 26.51 -11.53 -4.83
C SER A 178 27.01 -10.87 -3.56
N PRO A 179 27.85 -11.58 -2.77
CA PRO A 179 28.28 -11.05 -1.46
C PRO A 179 28.64 -9.56 -1.41
N ASN A 180 29.47 -9.07 -2.34
CA ASN A 180 29.89 -7.67 -2.37
C ASN A 180 28.71 -6.69 -2.44
N TYR A 181 27.80 -6.93 -3.40
CA TYR A 181 26.63 -6.09 -3.70
C TYR A 181 25.41 -6.32 -2.79
N ALA A 182 25.50 -7.30 -1.83
CA ALA A 182 24.44 -7.65 -0.88
C ALA A 182 24.48 -6.83 0.40
N ALA A 183 23.35 -6.14 0.69
CA ALA A 183 23.10 -5.23 1.84
C ALA A 183 23.41 -5.86 3.22
N PRO A 184 23.83 -5.09 4.25
CA PRO A 184 24.14 -5.69 5.56
C PRO A 184 23.05 -6.58 6.14
N GLU A 185 21.77 -6.18 6.06
CA GLU A 185 20.63 -6.98 6.55
C GLU A 185 20.39 -8.26 5.75
N VAL A 186 20.87 -8.29 4.48
CA VAL A 186 20.76 -9.45 3.58
C VAL A 186 21.80 -10.46 4.05
N ILE A 187 23.09 -10.05 4.06
CA ILE A 187 24.21 -10.91 4.49
C ILE A 187 23.95 -11.42 5.92
N SER A 188 23.34 -10.58 6.76
CA SER A 188 22.99 -10.91 8.13
C SER A 188 21.84 -11.91 8.25
N GLY A 189 21.01 -12.02 7.21
CA GLY A 189 19.88 -12.93 7.17
C GLY A 189 18.59 -12.39 7.77
N ARG A 190 18.62 -11.14 8.29
CA ARG A 190 17.46 -10.45 8.89
C ARG A 190 16.48 -10.08 7.74
N LEU A 191 15.15 -10.08 8.02
CA LEU A 191 14.14 -9.76 7.01
C LEU A 191 14.01 -8.25 6.76
N TYR A 192 13.88 -7.88 5.48
CA TYR A 192 13.82 -6.50 4.97
C TYR A 192 12.51 -6.23 4.23
N ALA A 193 12.26 -4.94 3.96
CA ALA A 193 11.06 -4.48 3.27
C ALA A 193 11.15 -4.69 1.76
N GLY A 194 12.36 -4.52 1.24
CA GLY A 194 12.65 -4.63 -0.18
C GLY A 194 13.52 -3.55 -0.79
N PRO A 195 13.02 -2.32 -1.02
CA PRO A 195 13.82 -1.34 -1.76
C PRO A 195 15.09 -0.88 -1.08
N GLU A 196 15.20 -0.86 0.29
CA GLU A 196 16.44 -0.47 1.00
C GLU A 196 17.58 -1.19 0.32
N VAL A 197 17.45 -2.52 0.28
CA VAL A 197 18.37 -3.48 -0.30
C VAL A 197 18.88 -3.04 -1.69
N ASP A 198 17.99 -2.75 -2.66
CA ASP A 198 18.40 -2.28 -4.00
C ASP A 198 19.13 -0.95 -4.01
N ILE A 199 18.89 -0.10 -3.00
CA ILE A 199 19.59 1.17 -2.88
C ILE A 199 21.04 0.86 -2.47
N TRP A 200 21.25 -0.06 -1.51
CA TRP A 200 22.58 -0.47 -1.07
C TRP A 200 23.37 -1.13 -2.19
N SER A 201 22.68 -1.84 -3.08
CA SER A 201 23.34 -2.45 -4.23
C SER A 201 23.72 -1.35 -5.23
N SER A 202 22.78 -0.42 -5.51
CA SER A 202 22.98 0.71 -6.42
C SER A 202 24.06 1.64 -5.90
N GLY A 203 24.27 1.57 -4.59
CA GLY A 203 25.30 2.30 -3.86
C GLY A 203 26.68 1.79 -4.24
N VAL A 204 26.88 0.46 -4.20
CA VAL A 204 28.16 -0.11 -4.59
C VAL A 204 28.42 0.02 -6.10
N ILE A 205 27.33 -0.05 -6.94
CA ILE A 205 27.39 0.10 -8.40
C ILE A 205 28.04 1.45 -8.74
N LEU A 206 27.62 2.50 -8.01
CA LEU A 206 28.14 3.86 -8.16
C LEU A 206 29.60 3.92 -7.74
N TYR A 207 29.98 3.14 -6.72
CA TYR A 207 31.34 3.14 -6.25
C TYR A 207 32.19 2.56 -7.36
N ALA A 208 31.82 1.35 -7.83
CA ALA A 208 32.46 0.65 -8.94
C ALA A 208 32.57 1.54 -10.20
N LEU A 209 31.53 2.37 -10.47
CA LEU A 209 31.54 3.30 -11.59
C LEU A 209 32.64 4.36 -11.43
N LEU A 210 32.68 5.09 -10.31
CA LEU A 210 33.64 6.18 -10.09
C LEU A 210 35.05 5.69 -9.78
N CYS A 211 35.17 4.46 -9.26
CA CYS A 211 36.46 3.96 -8.79
C CYS A 211 37.06 2.82 -9.59
N GLY A 212 36.22 2.01 -10.20
CA GLY A 212 36.72 0.86 -10.93
C GLY A 212 37.00 -0.34 -10.03
N THR A 213 36.91 -0.14 -8.69
CA THR A 213 37.10 -1.17 -7.64
C THR A 213 35.82 -1.32 -6.79
N LEU A 214 35.81 -2.29 -5.85
CA LEU A 214 34.66 -2.51 -4.98
C LEU A 214 34.83 -1.85 -3.62
N PRO A 215 33.75 -1.32 -2.99
CA PRO A 215 33.92 -0.65 -1.69
C PRO A 215 34.19 -1.60 -0.54
N PHE A 216 33.64 -2.83 -0.64
CA PHE A 216 33.86 -3.86 0.36
C PHE A 216 34.33 -5.07 -0.38
N ASP A 217 35.59 -5.45 -0.12
CA ASP A 217 36.24 -6.57 -0.77
C ASP A 217 37.29 -7.25 0.06
N ASP A 218 37.25 -8.58 0.00
CA ASP A 218 38.19 -9.47 0.68
C ASP A 218 38.04 -10.83 0.03
N ASP A 219 39.16 -11.56 -0.06
CA ASP A 219 39.19 -12.92 -0.62
C ASP A 219 38.61 -13.90 0.40
N HIS A 220 38.76 -13.59 1.71
CA HIS A 220 38.17 -14.39 2.79
C HIS A 220 36.75 -13.88 2.97
N VAL A 221 35.77 -14.75 2.71
CA VAL A 221 34.35 -14.39 2.76
C VAL A 221 33.96 -13.84 4.14
N PRO A 222 34.06 -14.54 5.29
CA PRO A 222 33.66 -13.92 6.57
C PRO A 222 34.26 -12.54 6.91
N THR A 223 35.53 -12.26 6.51
CA THR A 223 36.12 -10.93 6.80
C THR A 223 35.46 -9.87 5.96
N LEU A 224 35.09 -10.20 4.70
CA LEU A 224 34.37 -9.32 3.80
C LEU A 224 33.00 -8.97 4.45
N PHE A 225 32.30 -9.98 4.98
CA PHE A 225 30.99 -9.87 5.65
C PHE A 225 31.04 -8.89 6.78
N LYS A 226 32.18 -8.85 7.50
CA LYS A 226 32.43 -7.93 8.60
C LYS A 226 32.59 -6.51 8.03
N LYS A 227 33.37 -6.36 6.92
CA LYS A 227 33.62 -5.09 6.23
C LYS A 227 32.31 -4.43 5.84
N ILE A 228 31.42 -5.21 5.16
CA ILE A 228 30.07 -4.84 4.73
C ILE A 228 29.25 -4.33 5.91
N CYS A 229 29.28 -5.07 7.03
CA CYS A 229 28.51 -4.74 8.21
C CYS A 229 29.08 -3.58 9.00
N ASP A 230 30.39 -3.32 8.84
CA ASP A 230 31.06 -2.20 9.48
C ASP A 230 30.76 -0.90 8.72
N GLY A 231 30.31 -1.03 7.47
CA GLY A 231 29.93 0.07 6.59
C GLY A 231 31.01 1.05 6.21
N ILE A 232 32.25 0.69 6.55
CA ILE A 232 33.44 1.47 6.36
C ILE A 232 34.20 1.02 5.10
N PHE A 233 34.39 1.98 4.16
CA PHE A 233 35.03 1.79 2.85
C PHE A 233 35.92 2.98 2.47
N TYR A 234 36.86 2.79 1.53
CA TYR A 234 37.79 3.84 1.09
C TYR A 234 37.15 4.84 0.17
N THR A 235 37.61 6.09 0.25
CA THR A 235 37.18 7.19 -0.60
C THR A 235 38.43 7.85 -1.22
N PRO A 236 38.77 7.52 -2.50
CA PRO A 236 39.98 8.10 -3.11
C PRO A 236 39.92 9.62 -3.22
N GLN A 237 41.10 10.31 -3.24
CA GLN A 237 41.17 11.79 -3.36
C GLN A 237 40.45 12.31 -4.62
N TYR A 238 40.56 11.57 -5.76
CA TYR A 238 39.91 11.91 -7.02
C TYR A 238 38.39 12.01 -6.95
N LEU A 239 37.77 11.46 -5.88
CA LEU A 239 36.33 11.51 -5.68
C LEU A 239 35.84 12.88 -5.22
N ASN A 240 34.73 13.36 -5.81
CA ASN A 240 34.08 14.64 -5.50
C ASN A 240 33.42 14.54 -4.09
N PRO A 241 33.56 15.53 -3.17
CA PRO A 241 32.95 15.37 -1.82
C PRO A 241 31.43 15.21 -1.82
N SER A 242 30.78 15.80 -2.83
CA SER A 242 29.35 15.72 -3.02
C SER A 242 28.96 14.27 -3.32
N VAL A 243 29.71 13.57 -4.18
CA VAL A 243 29.33 12.20 -4.47
C VAL A 243 29.63 11.33 -3.28
N ILE A 244 30.73 11.64 -2.54
CA ILE A 244 31.13 10.95 -1.31
C ILE A 244 29.96 10.99 -0.32
N SER A 245 29.35 12.19 -0.15
CA SER A 245 28.20 12.34 0.75
C SER A 245 27.02 11.47 0.32
N LEU A 246 26.75 11.38 -1.00
CA LEU A 246 25.66 10.55 -1.52
C LEU A 246 25.93 9.07 -1.21
N LEU A 247 27.19 8.61 -1.43
CA LEU A 247 27.57 7.22 -1.15
C LEU A 247 27.41 6.95 0.34
N LYS A 248 27.86 7.92 1.18
CA LYS A 248 27.76 7.85 2.63
C LYS A 248 26.28 7.55 3.03
N HIS A 249 25.31 8.13 2.29
CA HIS A 249 23.88 7.95 2.54
C HIS A 249 23.29 6.63 2.02
N MET A 250 23.68 6.23 0.81
CA MET A 250 23.18 5.01 0.21
C MET A 250 23.80 3.81 0.90
N LEU A 251 25.03 3.95 1.41
CA LEU A 251 25.78 2.87 2.03
C LEU A 251 25.76 2.94 3.56
N GLN A 252 24.59 3.32 4.10
CA GLN A 252 24.32 3.36 5.52
C GLN A 252 24.01 1.95 5.99
N VAL A 253 24.68 1.48 7.06
CA VAL A 253 24.46 0.11 7.56
C VAL A 253 23.07 -0.06 8.15
N ASP A 254 22.56 0.96 8.87
CA ASP A 254 21.21 0.91 9.42
C ASP A 254 20.23 1.27 8.32
N PRO A 255 19.23 0.40 8.01
CA PRO A 255 18.27 0.72 6.94
C PRO A 255 17.45 2.00 7.18
N MET A 256 17.13 2.28 8.45
CA MET A 256 16.35 3.45 8.83
C MET A 256 17.10 4.78 8.70
N LYS A 257 18.39 4.70 8.34
CA LYS A 257 19.21 5.89 8.14
C LYS A 257 19.66 5.96 6.68
N ARG A 258 19.42 4.88 5.92
CA ARG A 258 19.80 4.74 4.52
C ARG A 258 18.97 5.58 3.58
N ALA A 259 19.64 6.17 2.57
CA ALA A 259 19.03 6.99 1.54
C ALA A 259 17.87 6.28 0.84
N THR A 260 16.89 7.08 0.44
CA THR A 260 15.71 6.64 -0.30
C THR A 260 15.88 7.20 -1.73
N ILE A 261 15.15 6.66 -2.71
CA ILE A 261 15.25 7.18 -4.07
C ILE A 261 14.99 8.69 -4.05
N LYS A 262 14.00 9.13 -3.21
CA LYS A 262 13.65 10.53 -3.01
C LYS A 262 14.88 11.27 -2.49
N ASP A 263 15.51 10.77 -1.41
CA ASP A 263 16.72 11.35 -0.84
C ASP A 263 17.81 11.56 -1.92
N ILE A 264 17.90 10.63 -2.90
CA ILE A 264 18.85 10.69 -4.02
C ILE A 264 18.41 11.71 -5.08
N ARG A 265 17.11 11.69 -5.45
CA ARG A 265 16.56 12.63 -6.43
C ARG A 265 16.81 14.07 -5.92
N GLU A 266 16.65 14.27 -4.60
CA GLU A 266 16.86 15.53 -3.85
C GLU A 266 18.34 15.91 -3.80
N HIS A 267 19.25 14.92 -3.97
CA HIS A 267 20.71 15.13 -3.91
C HIS A 267 21.26 15.88 -5.14
N GLU A 268 22.05 16.95 -4.85
CA GLU A 268 22.65 17.88 -5.81
C GLU A 268 23.54 17.21 -6.84
N TRP A 269 24.31 16.19 -6.44
CA TRP A 269 25.20 15.49 -7.36
C TRP A 269 24.36 14.78 -8.38
N PHE A 270 23.33 14.02 -7.91
CA PHE A 270 22.39 13.28 -8.76
C PHE A 270 21.61 14.19 -9.69
N LYS A 271 21.18 15.37 -9.18
CA LYS A 271 20.41 16.42 -9.87
C LYS A 271 21.09 16.95 -11.14
N GLN A 272 22.40 17.31 -11.05
CA GLN A 272 23.21 17.90 -12.14
C GLN A 272 23.01 17.14 -13.45
N ASP A 273 22.67 17.87 -14.52
CA ASP A 273 22.45 17.42 -15.90
C ASP A 273 21.47 16.24 -16.03
N LEU A 274 20.42 16.19 -15.18
CA LEU A 274 19.44 15.11 -15.22
C LEU A 274 18.41 15.23 -16.35
N PRO A 275 18.38 14.24 -17.26
CA PRO A 275 17.38 14.26 -18.35
C PRO A 275 16.00 13.95 -17.82
N LYS A 276 15.05 14.79 -18.25
CA LYS A 276 13.67 14.77 -17.77
C LYS A 276 12.88 13.49 -18.12
N TYR A 277 13.31 12.71 -19.14
CA TYR A 277 12.66 11.45 -19.53
C TYR A 277 12.77 10.35 -18.46
N LEU A 278 13.77 10.46 -17.58
CA LEU A 278 14.05 9.43 -16.57
C LEU A 278 13.00 9.33 -15.47
N PHE A 279 12.54 10.47 -14.93
CA PHE A 279 11.59 10.45 -13.82
C PHE A 279 10.33 11.35 -14.00
N PRO A 280 9.18 11.03 -13.34
CA PRO A 280 8.02 11.94 -13.42
C PRO A 280 8.09 13.07 -12.37
N TRP A 398 1.48 4.96 21.48
CA TRP A 398 1.18 3.96 20.46
C TRP A 398 2.34 3.01 20.22
N HIS A 399 2.09 1.69 20.21
CA HIS A 399 3.13 0.67 19.99
C HIS A 399 2.60 -0.62 19.37
N LEU A 400 3.45 -1.27 18.56
CA LEU A 400 3.15 -2.52 17.88
C LEU A 400 2.95 -3.69 18.85
N GLY A 401 1.89 -4.46 18.62
CA GLY A 401 1.48 -5.65 19.38
C GLY A 401 1.69 -5.65 20.89
N ILE A 402 1.94 -6.85 21.43
CA ILE A 402 2.19 -7.06 22.87
C ILE A 402 3.56 -7.74 23.07
N ARG A 403 4.41 -7.14 23.91
CA ARG A 403 5.75 -7.68 24.18
C ARG A 403 5.79 -8.54 25.44
N SER A 404 6.37 -9.77 25.33
CA SER A 404 6.52 -10.73 26.44
C SER A 404 7.98 -11.15 26.63
N GLN A 405 8.47 -11.06 27.87
CA GLN A 405 9.85 -11.42 28.21
C GLN A 405 10.02 -12.94 28.47
N SER A 406 8.92 -13.72 28.34
CA SER A 406 8.88 -15.18 28.52
C SER A 406 9.70 -15.96 27.46
N ARG A 407 9.75 -17.32 27.57
CA ARG A 407 10.49 -18.13 26.59
C ARG A 407 9.72 -18.25 25.29
N PRO A 408 10.38 -18.11 24.11
CA PRO A 408 9.65 -18.09 22.83
C PRO A 408 8.72 -19.27 22.58
N ASN A 409 9.09 -20.44 23.10
CA ASN A 409 8.29 -21.67 23.03
C ASN A 409 7.11 -21.53 24.01
N ASP A 410 7.36 -20.97 25.21
CA ASP A 410 6.34 -20.74 26.25
C ASP A 410 5.32 -19.69 25.82
N ILE A 411 5.75 -18.69 25.02
CA ILE A 411 4.88 -17.64 24.47
C ILE A 411 3.87 -18.30 23.51
N MET A 412 4.38 -19.09 22.55
CA MET A 412 3.58 -19.85 21.58
C MET A 412 2.61 -20.78 22.30
N ALA A 413 3.07 -21.37 23.41
CA ALA A 413 2.27 -22.22 24.25
C ALA A 413 1.14 -21.38 24.89
N GLU A 414 1.50 -20.24 25.54
CA GLU A 414 0.58 -19.30 26.20
C GLU A 414 -0.49 -18.82 25.21
N VAL A 415 -0.09 -18.49 23.94
CA VAL A 415 -0.99 -17.97 22.89
C VAL A 415 -1.98 -19.03 22.40
N CYS A 416 -1.52 -20.25 22.07
CA CYS A 416 -2.41 -21.29 21.55
C CYS A 416 -3.47 -21.75 22.53
N ARG A 417 -3.19 -21.72 23.85
CA ARG A 417 -4.20 -22.09 24.84
C ARG A 417 -5.16 -20.91 25.07
N ALA A 418 -4.77 -19.71 24.64
CA ALA A 418 -5.61 -18.52 24.71
C ALA A 418 -6.49 -18.46 23.45
N ILE A 419 -5.95 -18.90 22.27
CA ILE A 419 -6.68 -18.97 21.00
C ILE A 419 -7.83 -19.99 21.18
N LYS A 420 -7.50 -21.18 21.73
CA LYS A 420 -8.43 -22.28 22.03
C LYS A 420 -9.54 -21.80 22.96
N GLN A 421 -9.20 -20.93 23.94
CA GLN A 421 -10.15 -20.33 24.90
C GLN A 421 -11.21 -19.52 24.16
N LEU A 422 -10.77 -18.75 23.14
CA LEU A 422 -11.65 -17.92 22.32
C LEU A 422 -12.35 -18.72 21.20
N ASP A 423 -12.20 -20.08 21.21
CA ASP A 423 -12.78 -21.06 20.29
C ASP A 423 -12.36 -20.85 18.81
N TYR A 424 -11.39 -19.94 18.56
CA TYR A 424 -10.88 -19.66 17.22
C TYR A 424 -10.11 -20.84 16.66
N GLU A 425 -10.29 -21.12 15.37
CA GLU A 425 -9.55 -22.15 14.66
C GLU A 425 -8.24 -21.52 14.22
N TRP A 426 -7.21 -22.34 13.96
CA TRP A 426 -5.90 -21.86 13.49
C TRP A 426 -5.10 -22.94 12.78
N LYS A 427 -4.03 -22.52 12.07
CA LYS A 427 -3.08 -23.40 11.39
C LYS A 427 -1.66 -22.90 11.72
N VAL A 428 -0.70 -23.83 11.92
CA VAL A 428 0.68 -23.51 12.28
C VAL A 428 1.63 -23.62 11.07
N VAL A 429 2.18 -22.47 10.64
CA VAL A 429 3.10 -22.35 9.52
C VAL A 429 4.52 -22.65 10.06
N ASN A 430 5.20 -21.61 10.59
CA ASN A 430 6.51 -21.68 11.24
C ASN A 430 6.17 -21.97 12.71
N PRO A 431 7.11 -22.39 13.58
CA PRO A 431 6.75 -22.54 15.01
C PRO A 431 6.41 -21.19 15.64
N TYR A 432 6.87 -20.09 15.01
CA TYR A 432 6.62 -18.71 15.44
C TYR A 432 5.66 -17.96 14.53
N TYR A 433 4.88 -18.70 13.70
CA TYR A 433 3.88 -18.14 12.78
C TYR A 433 2.60 -18.99 12.78
N LEU A 434 1.45 -18.35 13.08
CA LEU A 434 0.12 -18.97 13.14
C LEU A 434 -0.91 -18.18 12.30
N ARG A 435 -1.77 -18.90 11.54
CA ARG A 435 -2.86 -18.32 10.76
C ARG A 435 -4.18 -18.69 11.49
N VAL A 436 -4.75 -17.73 12.23
CA VAL A 436 -5.96 -17.94 13.04
C VAL A 436 -7.20 -17.37 12.31
N ARG A 437 -8.27 -18.21 12.29
CA ARG A 437 -9.59 -17.99 11.68
C ARG A 437 -10.68 -17.93 12.78
N ARG A 438 -11.77 -17.19 12.51
CA ARG A 438 -12.89 -17.02 13.44
C ARG A 438 -14.23 -16.89 12.71
N LYS A 439 -15.18 -17.74 13.10
CA LYS A 439 -16.54 -17.74 12.59
C LYS A 439 -17.26 -16.64 13.36
N ASN A 440 -17.85 -15.66 12.65
CA ASN A 440 -18.59 -14.60 13.33
C ASN A 440 -19.83 -15.24 13.92
N PRO A 441 -20.07 -15.07 15.24
CA PRO A 441 -21.28 -15.69 15.83
C PRO A 441 -22.59 -15.01 15.41
N VAL A 442 -22.50 -13.75 14.89
CA VAL A 442 -23.64 -12.93 14.47
C VAL A 442 -23.81 -12.91 12.93
N THR A 443 -22.85 -12.38 12.17
CA THR A 443 -22.98 -12.26 10.71
C THR A 443 -22.65 -13.56 9.94
N SER A 444 -22.24 -14.63 10.67
CA SER A 444 -21.87 -15.94 10.12
C SER A 444 -20.87 -15.82 8.95
N THR A 445 -19.77 -15.09 9.18
CA THR A 445 -18.71 -14.82 8.20
C THR A 445 -17.33 -15.01 8.82
N PHE A 446 -16.34 -15.43 8.02
CA PHE A 446 -14.99 -15.69 8.51
C PHE A 446 -14.03 -14.48 8.45
N SER A 447 -13.24 -14.34 9.53
CA SER A 447 -12.25 -13.28 9.75
C SER A 447 -10.91 -13.96 10.12
N LYS A 448 -9.80 -13.53 9.50
CA LYS A 448 -8.47 -14.12 9.71
C LYS A 448 -7.39 -13.08 10.11
N MET A 449 -6.28 -13.56 10.71
CA MET A 449 -5.10 -12.77 11.11
C MET A 449 -3.81 -13.62 11.20
N SER A 450 -2.65 -12.97 10.93
CA SER A 450 -1.31 -13.58 10.98
C SER A 450 -0.58 -13.18 12.29
N LEU A 451 -0.22 -14.19 13.10
CA LEU A 451 0.46 -13.99 14.37
C LEU A 451 1.91 -14.44 14.27
N GLN A 452 2.84 -13.47 14.20
CA GLN A 452 4.28 -13.77 14.07
C GLN A 452 5.06 -13.21 15.24
N LEU A 453 5.80 -14.08 15.93
CA LEU A 453 6.63 -13.68 17.06
C LEU A 453 7.98 -13.21 16.54
N TYR A 454 8.42 -12.05 17.04
CA TYR A 454 9.72 -11.44 16.74
C TYR A 454 10.53 -11.36 18.04
N GLN A 455 11.72 -10.77 17.96
CA GLN A 455 12.61 -10.58 19.09
C GLN A 455 13.10 -9.15 19.05
N VAL A 456 12.77 -8.34 20.07
CA VAL A 456 13.23 -6.96 20.12
C VAL A 456 14.61 -6.92 20.78
N ASP A 457 14.66 -7.07 22.13
CA ASP A 457 15.91 -7.06 22.88
C ASP A 457 16.60 -8.42 22.86
N SER A 458 17.69 -8.47 23.59
CA SER A 458 18.48 -9.67 23.84
C SER A 458 17.72 -10.47 24.91
N ARG A 459 16.73 -9.82 25.57
CA ARG A 459 15.89 -10.38 26.64
C ARG A 459 14.39 -10.36 26.33
N THR A 460 13.93 -9.43 25.47
CA THR A 460 12.52 -9.25 25.11
C THR A 460 12.10 -9.95 23.81
N TYR A 461 10.78 -10.19 23.64
CA TYR A 461 10.12 -10.79 22.46
C TYR A 461 8.83 -10.01 22.17
N LEU A 462 8.46 -9.85 20.90
CA LEU A 462 7.26 -9.09 20.50
C LEU A 462 6.33 -9.92 19.61
N LEU A 463 5.01 -9.91 19.88
CA LEU A 463 4.03 -10.63 19.07
C LEU A 463 3.24 -9.65 18.22
N ASP A 464 3.30 -9.83 16.90
CA ASP A 464 2.65 -8.95 15.92
C ASP A 464 1.44 -9.57 15.23
N PHE A 465 0.36 -8.77 15.16
CA PHE A 465 -0.93 -9.12 14.57
C PHE A 465 -1.13 -8.39 13.24
N ARG A 466 -1.13 -9.15 12.13
CA ARG A 466 -1.36 -8.64 10.77
C ARG A 466 -2.72 -9.15 10.29
N SER A 467 -3.45 -8.33 9.51
CA SER A 467 -4.75 -8.70 8.95
C SER A 467 -4.59 -9.42 7.60
N ILE A 468 -5.43 -10.45 7.40
CA ILE A 468 -5.45 -11.25 6.18
C ILE A 468 -6.76 -10.88 5.50
N ASP A 469 -6.68 -10.01 4.47
CA ASP A 469 -7.87 -9.55 3.75
C ASP A 469 -8.48 -10.68 2.93
N ASP A 470 -9.73 -11.01 3.29
CA ASP A 470 -10.56 -12.06 2.69
C ASP A 470 -10.92 -11.72 1.25
N GLU A 471 -10.98 -12.76 0.36
CA GLU A 471 -11.26 -12.67 -1.08
C GLU A 471 -10.17 -11.88 -1.81
N ARG A 482 -19.01 -8.12 4.65
CA ARG A 482 -20.10 -7.29 4.13
C ARG A 482 -21.17 -6.91 5.18
N PRO A 483 -21.71 -7.81 6.06
CA PRO A 483 -22.74 -7.37 7.02
C PRO A 483 -22.23 -6.59 8.24
N GLY A 484 -20.94 -6.78 8.54
CA GLY A 484 -20.20 -6.14 9.61
C GLY A 484 -18.76 -6.00 9.19
N SER A 485 -18.21 -4.77 9.31
CA SER A 485 -16.85 -4.36 8.92
C SER A 485 -15.70 -5.33 9.17
N HIS A 486 -14.83 -5.52 8.17
CA HIS A 486 -13.65 -6.38 8.28
C HIS A 486 -12.69 -5.78 9.31
N THR A 487 -12.29 -4.51 9.11
CA THR A 487 -11.34 -3.77 9.93
C THR A 487 -11.67 -3.86 11.44
N ILE A 488 -12.94 -3.57 11.86
CA ILE A 488 -13.33 -3.62 13.28
C ILE A 488 -13.39 -5.07 13.79
N GLU A 489 -13.85 -6.03 12.97
CA GLU A 489 -13.88 -7.46 13.31
C GLU A 489 -12.46 -7.94 13.68
N PHE A 490 -11.42 -7.41 12.99
CA PHE A 490 -10.01 -7.70 13.23
C PHE A 490 -9.61 -7.17 14.61
N PHE A 491 -9.92 -5.90 14.89
CA PHE A 491 -9.64 -5.28 16.18
C PHE A 491 -10.21 -6.11 17.30
N GLU A 492 -11.50 -6.50 17.17
CA GLU A 492 -12.21 -7.32 18.14
C GLU A 492 -11.49 -8.66 18.38
N MET A 493 -11.13 -9.37 17.29
CA MET A 493 -10.41 -10.65 17.33
C MET A 493 -9.09 -10.49 18.09
N CYS A 494 -8.39 -9.37 17.86
CA CYS A 494 -7.12 -9.02 18.47
C CYS A 494 -7.24 -8.69 19.97
N ALA A 495 -8.17 -7.76 20.31
CA ALA A 495 -8.45 -7.28 21.68
C ALA A 495 -8.82 -8.43 22.60
N ASN A 496 -9.62 -9.39 22.09
CA ASN A 496 -10.06 -10.58 22.82
C ASN A 496 -8.86 -11.38 23.29
N LEU A 497 -7.80 -11.43 22.48
CA LEU A 497 -6.58 -12.12 22.86
C LEU A 497 -5.77 -11.33 23.88
N ILE A 498 -5.50 -10.04 23.61
CA ILE A 498 -4.73 -9.13 24.48
C ILE A 498 -5.28 -9.15 25.94
N LYS A 499 -6.62 -9.28 26.05
CA LYS A 499 -7.40 -9.37 27.30
C LYS A 499 -6.82 -10.40 28.29
N ILE A 500 -6.07 -11.41 27.80
CA ILE A 500 -5.51 -12.45 28.66
C ILE A 500 -3.98 -12.59 28.57
N LEU A 501 -3.38 -12.16 27.44
CA LEU A 501 -1.95 -12.36 27.22
C LEU A 501 -1.03 -11.37 28.01
N ALA A 502 0.30 -11.76 28.12
CA ALA A 502 1.41 -11.17 28.89
C ALA A 502 2.17 -9.97 28.24
N GLN A 503 2.01 -8.79 28.91
CA GLN A 503 2.61 -7.46 28.71
C GLN A 503 2.42 -6.85 27.30
N ALA B 11 5.07 -20.23 -33.21
CA ALA B 11 5.83 -21.47 -33.32
C ALA B 11 6.35 -21.94 -31.94
N ARG B 12 6.02 -23.21 -31.56
CA ARG B 12 6.38 -23.87 -30.28
C ARG B 12 7.19 -25.16 -30.54
N PRO B 13 8.51 -25.03 -30.85
CA PRO B 13 9.28 -26.24 -31.18
C PRO B 13 9.87 -26.98 -29.98
N THR B 14 9.91 -28.31 -30.07
CA THR B 14 10.45 -29.22 -29.05
C THR B 14 11.94 -29.44 -29.29
N VAL B 15 12.77 -29.09 -28.28
CA VAL B 15 14.23 -29.22 -28.29
C VAL B 15 14.64 -30.64 -27.90
N PHE B 16 15.31 -31.34 -28.81
CA PHE B 16 15.81 -32.67 -28.56
C PHE B 16 17.27 -32.50 -28.21
N ARG B 17 17.73 -33.15 -27.12
CA ARG B 17 19.12 -33.06 -26.64
C ARG B 17 19.79 -34.43 -26.54
N TRP B 18 21.11 -34.44 -26.80
CA TRP B 18 21.94 -35.64 -26.67
C TRP B 18 23.15 -35.28 -25.81
N THR B 19 22.98 -35.48 -24.49
CA THR B 19 23.99 -35.20 -23.47
C THR B 19 25.08 -36.27 -23.42
N GLY B 20 25.23 -37.00 -24.50
CA GLY B 20 26.25 -38.01 -24.67
C GLY B 20 27.44 -37.40 -25.36
N GLY B 21 28.36 -38.26 -25.81
CA GLY B 21 29.55 -37.85 -26.54
C GLY B 21 29.30 -37.99 -28.02
N GLY B 22 30.27 -38.51 -28.75
CA GLY B 22 30.09 -38.76 -30.18
C GLY B 22 30.53 -37.64 -31.09
N LYS B 23 30.97 -38.02 -32.30
CA LYS B 23 31.43 -37.11 -33.34
C LYS B 23 30.25 -36.66 -34.20
N GLU B 24 29.36 -37.62 -34.59
CA GLU B 24 28.17 -37.34 -35.41
C GLU B 24 26.91 -38.06 -34.88
N VAL B 25 25.87 -37.26 -34.50
CA VAL B 25 24.58 -37.70 -33.94
C VAL B 25 23.43 -37.24 -34.82
N TYR B 26 22.49 -38.16 -35.13
CA TYR B 26 21.25 -37.87 -35.88
C TYR B 26 19.99 -38.29 -35.11
N LEU B 27 18.83 -37.70 -35.48
CA LEU B 27 17.54 -37.97 -34.85
C LEU B 27 16.49 -38.44 -35.87
N SER B 28 16.04 -39.70 -35.74
CA SER B 28 15.03 -40.34 -36.60
C SER B 28 13.75 -40.44 -35.83
N GLY B 29 12.68 -39.95 -36.41
CA GLY B 29 11.37 -39.95 -35.76
C GLY B 29 10.19 -40.18 -36.67
N SER B 30 9.03 -40.48 -36.05
CA SER B 30 7.75 -40.68 -36.73
C SER B 30 7.37 -39.36 -37.38
N PHE B 31 7.65 -38.27 -36.65
CA PHE B 31 7.45 -36.88 -37.01
C PHE B 31 8.27 -36.40 -38.22
N ASN B 32 9.30 -37.16 -38.68
CA ASN B 32 10.09 -36.79 -39.86
C ASN B 32 10.26 -37.96 -40.82
N ASN B 33 9.46 -39.01 -40.63
CA ASN B 33 9.40 -40.26 -41.40
C ASN B 33 10.74 -41.07 -41.37
N TRP B 34 11.24 -41.24 -40.13
CA TRP B 34 12.40 -42.03 -39.72
C TRP B 34 13.67 -41.74 -40.54
N SER B 35 13.83 -40.45 -40.92
CA SER B 35 14.98 -39.94 -41.66
C SER B 35 15.99 -39.29 -40.71
N LYS B 36 17.30 -39.56 -40.91
CA LYS B 36 18.42 -39.08 -40.10
C LYS B 36 18.58 -37.55 -40.21
N LEU B 37 18.09 -36.83 -39.18
CA LEU B 37 18.18 -35.37 -39.07
C LEU B 37 19.40 -35.08 -38.20
N PRO B 38 20.38 -34.28 -38.66
CA PRO B 38 21.58 -34.06 -37.85
C PRO B 38 21.37 -33.17 -36.66
N LEU B 39 21.94 -33.56 -35.50
CA LEU B 39 21.89 -32.73 -34.30
C LEU B 39 23.13 -31.83 -34.29
N THR B 40 22.91 -30.55 -34.05
CA THR B 40 23.95 -29.55 -34.02
C THR B 40 24.55 -29.56 -32.62
N ARG B 41 25.88 -29.73 -32.51
CA ARG B 41 26.61 -29.75 -31.23
C ARG B 41 26.62 -28.36 -30.63
N ASP B 42 25.88 -28.16 -29.50
CA ASP B 42 25.75 -26.88 -28.78
C ASP B 42 27.08 -26.57 -28.10
N GLN B 43 27.25 -27.00 -26.84
CA GLN B 43 28.51 -26.91 -26.11
C GLN B 43 28.60 -28.22 -25.39
N ASN B 44 27.56 -28.50 -24.61
CA ASN B 44 27.37 -29.69 -23.79
C ASN B 44 26.70 -30.84 -24.56
N ASN B 45 25.51 -30.58 -25.09
CA ASN B 45 24.71 -31.54 -25.82
C ASN B 45 24.66 -31.32 -27.34
N PHE B 46 24.12 -32.29 -28.06
CA PHE B 46 23.89 -32.21 -29.50
C PHE B 46 22.42 -31.93 -29.55
N VAL B 47 22.03 -30.86 -30.23
CA VAL B 47 20.65 -30.42 -30.23
C VAL B 47 20.01 -30.24 -31.59
N ALA B 48 18.67 -30.25 -31.59
CA ALA B 48 17.80 -30.03 -32.74
C ALA B 48 16.46 -29.58 -32.18
N ILE B 49 15.83 -28.56 -32.82
CA ILE B 49 14.52 -28.02 -32.40
C ILE B 49 13.48 -28.16 -33.55
N LEU B 50 12.42 -28.95 -33.32
CA LEU B 50 11.36 -29.20 -34.32
C LEU B 50 9.99 -28.87 -33.76
N ASP B 51 9.13 -28.21 -34.57
CA ASP B 51 7.77 -27.93 -34.13
C ASP B 51 6.99 -29.24 -34.27
N LEU B 52 6.51 -29.80 -33.15
CA LEU B 52 5.77 -31.06 -33.19
C LEU B 52 4.35 -30.86 -32.76
N PRO B 53 3.36 -31.37 -33.53
CA PRO B 53 1.96 -31.16 -33.15
C PRO B 53 1.50 -31.96 -31.93
N GLU B 54 0.32 -31.61 -31.38
CA GLU B 54 -0.30 -32.28 -30.24
C GLU B 54 -0.46 -33.77 -30.58
N GLY B 55 0.16 -34.62 -29.77
CA GLY B 55 0.08 -36.07 -29.96
C GLY B 55 1.25 -36.91 -29.52
N GLU B 56 1.16 -38.23 -29.80
CA GLU B 56 2.18 -39.23 -29.49
C GLU B 56 3.16 -39.30 -30.64
N HIS B 57 4.46 -39.33 -30.33
CA HIS B 57 5.53 -39.38 -31.32
C HIS B 57 6.67 -40.24 -30.80
N GLN B 58 7.13 -41.20 -31.63
CA GLN B 58 8.26 -42.04 -31.29
C GLN B 58 9.45 -41.57 -32.09
N TYR B 59 10.65 -41.72 -31.52
CA TYR B 59 11.93 -41.30 -32.11
C TYR B 59 13.08 -42.17 -31.61
N LYS B 60 14.29 -42.00 -32.19
CA LYS B 60 15.50 -42.77 -31.89
C LYS B 60 16.68 -41.91 -32.32
N PHE B 61 17.90 -42.32 -31.96
CA PHE B 61 19.13 -41.60 -32.29
C PHE B 61 20.15 -42.48 -32.97
N PHE B 62 20.84 -41.90 -33.97
CA PHE B 62 21.92 -42.54 -34.71
C PHE B 62 23.23 -41.90 -34.21
N VAL B 63 23.74 -42.44 -33.10
CA VAL B 63 24.91 -41.91 -32.41
C VAL B 63 26.17 -42.64 -32.78
N ASP B 64 26.95 -42.04 -33.71
CA ASP B 64 28.20 -42.60 -34.22
C ASP B 64 28.01 -44.01 -34.81
N GLY B 65 27.15 -44.08 -35.84
CA GLY B 65 26.81 -45.31 -36.56
C GLY B 65 26.11 -46.38 -35.75
N GLN B 66 25.64 -46.03 -34.53
CA GLN B 66 24.92 -46.94 -33.64
C GLN B 66 23.58 -46.36 -33.19
N TRP B 67 22.49 -47.10 -33.44
CA TRP B 67 21.15 -46.71 -33.08
C TRP B 67 20.86 -47.00 -31.60
N THR B 68 20.32 -46.00 -30.87
CA THR B 68 19.93 -46.08 -29.44
C THR B 68 18.80 -45.17 -29.14
N HIS B 69 18.14 -45.48 -28.04
CA HIS B 69 17.17 -44.58 -27.48
C HIS B 69 17.97 -43.80 -26.42
N ASP B 70 17.38 -42.74 -25.85
CA ASP B 70 17.95 -41.99 -24.74
C ASP B 70 17.37 -42.75 -23.55
N PRO B 71 18.19 -43.52 -22.78
CA PRO B 71 17.61 -44.30 -21.67
C PRO B 71 16.90 -43.42 -20.64
N SER B 72 17.32 -42.13 -20.56
CA SER B 72 16.78 -41.10 -19.69
C SER B 72 15.32 -40.77 -20.03
N GLU B 73 14.98 -40.79 -21.33
CA GLU B 73 13.65 -40.50 -21.83
C GLU B 73 12.79 -41.75 -21.93
N PRO B 74 11.46 -41.62 -21.80
CA PRO B 74 10.58 -42.80 -21.84
C PRO B 74 10.70 -43.63 -23.10
N ILE B 75 10.61 -44.95 -22.94
CA ILE B 75 10.70 -45.87 -24.06
C ILE B 75 9.36 -46.49 -24.39
N VAL B 76 9.36 -47.33 -25.43
CA VAL B 76 8.24 -48.10 -25.91
C VAL B 76 8.80 -49.29 -26.68
N THR B 77 8.51 -50.48 -26.20
CA THR B 77 8.94 -51.71 -26.82
C THR B 77 7.80 -52.26 -27.67
N SER B 78 8.09 -52.50 -28.95
CA SER B 78 7.09 -53.01 -29.89
C SER B 78 6.90 -54.49 -29.74
N GLN B 79 5.81 -54.98 -30.34
CA GLN B 79 5.40 -56.39 -30.44
C GLN B 79 6.46 -57.14 -31.26
N LEU B 80 7.28 -56.38 -32.01
CA LEU B 80 8.36 -56.79 -32.90
C LEU B 80 9.78 -56.69 -32.30
N GLY B 81 9.89 -56.15 -31.08
CA GLY B 81 11.17 -56.02 -30.38
C GLY B 81 11.90 -54.69 -30.46
N THR B 82 11.40 -53.72 -31.24
CA THR B 82 12.06 -52.42 -31.36
C THR B 82 11.79 -51.54 -30.18
N VAL B 83 12.86 -50.98 -29.60
CA VAL B 83 12.76 -50.05 -28.47
C VAL B 83 12.98 -48.62 -28.96
N ASN B 84 11.93 -47.83 -28.94
CA ASN B 84 12.01 -46.43 -29.33
C ASN B 84 11.68 -45.53 -28.17
N ASN B 85 12.13 -44.27 -28.24
CA ASN B 85 11.76 -43.26 -27.25
C ASN B 85 10.35 -42.81 -27.62
N ILE B 86 9.67 -42.14 -26.68
CA ILE B 86 8.32 -41.65 -26.92
C ILE B 86 8.12 -40.27 -26.31
N ILE B 87 7.27 -39.42 -26.96
CA ILE B 87 6.90 -38.09 -26.46
C ILE B 87 5.44 -37.81 -26.66
N GLN B 88 4.79 -37.33 -25.61
CA GLN B 88 3.39 -36.97 -25.62
C GLN B 88 3.30 -35.43 -25.60
N VAL B 89 2.99 -34.82 -26.76
CA VAL B 89 2.87 -33.36 -26.81
C VAL B 89 1.39 -33.03 -26.52
N LYS B 90 1.15 -32.63 -25.25
CA LYS B 90 -0.16 -32.28 -24.70
C LYS B 90 -0.47 -30.80 -25.00
N LYS B 91 -1.75 -30.39 -24.84
CA LYS B 91 -2.20 -29.01 -25.06
C LYS B 91 -1.68 -28.11 -23.94
N THR B 92 -1.47 -28.73 -22.75
CA THR B 92 -0.93 -28.13 -21.53
C THR B 92 0.53 -27.65 -21.79
N ASP B 93 1.24 -28.32 -22.70
CA ASP B 93 2.62 -28.02 -23.08
C ASP B 93 2.76 -26.71 -23.88
N PHE B 94 1.67 -25.93 -24.01
CA PHE B 94 1.70 -24.70 -24.78
C PHE B 94 1.38 -23.45 -23.95
N GLU B 95 0.48 -23.53 -22.94
CA GLU B 95 0.16 -22.40 -22.06
C GLU B 95 1.23 -22.34 -20.98
N VAL B 96 1.93 -21.20 -20.92
CA VAL B 96 3.09 -20.95 -20.08
C VAL B 96 2.85 -21.18 -18.60
N PHE B 97 1.67 -20.85 -18.09
CA PHE B 97 1.43 -21.05 -16.66
C PHE B 97 0.84 -22.43 -16.36
N ASP B 98 0.14 -23.04 -17.36
CA ASP B 98 -0.45 -24.39 -17.30
C ASP B 98 0.68 -25.42 -17.32
N ALA B 99 1.75 -25.10 -18.08
CA ALA B 99 2.95 -25.91 -18.18
C ALA B 99 3.76 -25.79 -16.89
N LEU B 100 3.63 -24.67 -16.14
CA LEU B 100 4.33 -24.47 -14.87
C LEU B 100 3.78 -25.39 -13.76
N MET B 101 2.44 -25.49 -13.64
CA MET B 101 1.76 -26.38 -12.68
C MET B 101 2.14 -27.85 -12.94
N VAL B 102 2.08 -28.32 -14.22
CA VAL B 102 2.38 -29.72 -14.58
C VAL B 102 3.82 -30.11 -14.17
N ASP B 103 4.71 -29.09 -14.03
CA ASP B 103 6.10 -29.28 -13.63
C ASP B 103 6.33 -29.33 -12.11
N SER B 104 5.36 -28.84 -11.31
CA SER B 104 5.44 -28.90 -9.86
C SER B 104 5.45 -30.38 -9.42
N GLN B 105 4.59 -31.20 -10.04
CA GLN B 105 4.47 -32.64 -9.82
C GLN B 105 5.47 -33.39 -10.74
N LYS B 135 14.26 -22.20 14.63
CA LYS B 135 15.09 -22.43 15.82
C LYS B 135 14.81 -21.35 16.89
N ALA B 136 14.84 -20.08 16.47
CA ALA B 136 14.57 -18.90 17.31
C ALA B 136 13.65 -17.95 16.54
N PRO B 137 12.85 -17.10 17.21
CA PRO B 137 11.96 -16.18 16.46
C PRO B 137 12.74 -15.08 15.75
N PRO B 138 12.28 -14.59 14.57
CA PRO B 138 13.04 -13.55 13.84
C PRO B 138 13.23 -12.25 14.61
N ILE B 139 14.24 -11.46 14.24
CA ILE B 139 14.49 -10.16 14.91
C ILE B 139 13.51 -9.16 14.30
N LEU B 140 12.91 -8.32 15.15
CA LEU B 140 11.93 -7.32 14.69
C LEU B 140 12.50 -6.33 13.68
N PRO B 141 11.97 -6.36 12.44
CA PRO B 141 12.42 -5.40 11.41
C PRO B 141 12.23 -3.95 11.88
N PRO B 142 13.13 -3.02 11.52
CA PRO B 142 13.03 -1.66 12.06
C PRO B 142 11.82 -0.86 11.59
N HIS B 143 11.24 -1.28 10.45
CA HIS B 143 10.09 -0.64 9.81
C HIS B 143 8.79 -0.74 10.58
N LEU B 144 8.70 -1.67 11.52
CA LEU B 144 7.46 -1.79 12.27
C LEU B 144 7.46 -0.94 13.54
N LEU B 145 8.54 -0.19 13.77
CA LEU B 145 8.67 0.69 14.92
C LEU B 145 8.23 2.11 14.53
N GLN B 146 8.32 2.45 13.22
CA GLN B 146 7.87 3.75 12.70
C GLN B 146 6.31 3.80 12.69
N VAL B 147 5.71 4.64 13.55
CA VAL B 147 4.24 4.78 13.67
C VAL B 147 3.80 6.11 13.03
N ILE B 148 2.76 6.11 12.15
CA ILE B 148 2.31 7.37 11.51
C ILE B 148 1.36 8.14 12.48
N LEU B 149 0.81 7.43 13.49
CA LEU B 149 -0.07 7.98 14.53
C LEU B 149 0.73 8.82 15.54
N ASN B 150 1.98 8.40 15.82
CA ASN B 150 2.92 9.10 16.73
C ASN B 150 3.34 10.46 16.12
N LYS B 151 3.95 10.42 14.90
CA LYS B 151 4.45 11.57 14.14
C LYS B 151 3.34 12.30 13.37
N SER B 156 0.49 23.44 11.46
CA SER B 156 -0.50 22.64 12.18
C SER B 156 -1.73 22.36 11.32
N CYS B 157 -1.61 21.44 10.33
CA CYS B 157 -2.66 21.04 9.39
C CYS B 157 -3.80 20.21 10.03
N ASP B 158 -4.51 19.40 9.18
CA ASP B 158 -5.65 18.56 9.59
C ASP B 158 -5.25 17.51 10.65
N PRO B 159 -5.98 17.45 11.79
CA PRO B 159 -5.64 16.42 12.82
C PRO B 159 -6.07 15.02 12.41
N ALA B 160 -6.91 14.94 11.37
CA ALA B 160 -7.45 13.74 10.78
C ALA B 160 -6.74 13.49 9.44
N LEU B 161 -5.53 14.04 9.30
CA LEU B 161 -4.71 13.87 8.10
C LEU B 161 -3.33 13.36 8.46
N LEU B 162 -2.94 12.21 7.84
CA LEU B 162 -1.69 11.50 8.09
C LEU B 162 -0.82 11.33 6.83
N PRO B 163 0.48 10.93 6.94
CA PRO B 163 1.30 10.77 5.72
C PRO B 163 1.06 9.43 5.03
N GLU B 164 1.59 9.29 3.79
CA GLU B 164 1.51 8.05 3.03
C GLU B 164 2.37 7.03 3.79
N PRO B 165 1.76 5.95 4.35
CA PRO B 165 2.55 4.98 5.12
C PRO B 165 3.32 3.99 4.25
N ASN B 166 4.43 3.43 4.80
CA ASN B 166 5.21 2.44 4.05
C ASN B 166 4.40 1.17 4.06
N HIS B 167 4.14 0.65 2.84
CA HIS B 167 3.31 -0.53 2.55
C HIS B 167 3.43 -1.63 3.58
N VAL B 168 4.64 -1.80 4.13
CA VAL B 168 5.08 -2.81 5.06
C VAL B 168 4.34 -2.79 6.41
N MET B 169 3.72 -1.65 6.83
CA MET B 169 2.99 -1.68 8.11
C MET B 169 1.47 -1.71 7.97
N LEU B 170 0.97 -1.80 6.73
CA LEU B 170 -0.47 -1.94 6.50
C LEU B 170 -0.97 -3.28 7.09
N ASN B 171 -2.14 -3.25 7.73
CA ASN B 171 -2.80 -4.41 8.37
C ASN B 171 -2.18 -4.78 9.74
N HIS B 172 -1.09 -4.11 10.16
CA HIS B 172 -0.41 -4.36 11.45
C HIS B 172 -1.11 -3.72 12.63
N LEU B 173 -1.17 -4.46 13.77
CA LEU B 173 -1.84 -3.96 14.97
C LEU B 173 -0.90 -3.24 15.94
N TYR B 174 -1.22 -1.94 16.13
CA TYR B 174 -0.61 -0.98 17.03
C TYR B 174 -1.70 -0.59 18.02
N ALA B 175 -1.44 -0.81 19.31
CA ALA B 175 -2.43 -0.46 20.34
C ALA B 175 -1.85 0.52 21.37
N LEU B 176 -2.72 1.30 22.00
CA LEU B 176 -2.32 2.23 23.05
C LEU B 176 -2.41 1.52 24.37
N SER B 177 -1.58 1.92 25.34
CA SER B 177 -1.59 1.35 26.69
C SER B 177 -3.01 1.43 27.30
N ILE B 178 -3.48 0.34 27.93
CA ILE B 178 -4.81 0.27 28.56
C ILE B 178 -4.94 1.34 29.66
N LYS B 179 -5.90 2.29 29.50
CA LYS B 179 -6.08 3.43 30.42
C LYS B 179 -7.18 3.23 31.50
N ASP B 180 -8.32 3.96 31.41
CA ASP B 180 -9.43 3.89 32.38
C ASP B 180 -10.35 2.65 32.19
N GLY B 181 -9.75 1.52 31.75
CA GLY B 181 -10.42 0.27 31.45
C GLY B 181 -10.73 0.18 29.96
N VAL B 182 -10.26 1.20 29.23
CA VAL B 182 -10.40 1.40 27.80
C VAL B 182 -9.09 1.13 27.10
N MET B 183 -9.16 0.25 26.10
CA MET B 183 -8.06 -0.17 25.24
C MET B 183 -8.29 0.48 23.89
N VAL B 184 -7.26 1.15 23.35
CA VAL B 184 -7.35 1.82 22.05
C VAL B 184 -6.54 1.01 21.03
N LEU B 185 -7.18 0.60 19.93
CA LEU B 185 -6.53 -0.19 18.88
C LEU B 185 -6.53 0.56 17.56
N SER B 186 -5.42 0.46 16.81
CA SER B 186 -5.27 1.10 15.50
C SER B 186 -4.60 0.22 14.49
N ALA B 187 -4.92 0.45 13.21
CA ALA B 187 -4.36 -0.21 12.04
C ALA B 187 -4.63 0.62 10.79
N THR B 188 -3.59 0.76 9.97
CA THR B 188 -3.71 1.50 8.72
C THR B 188 -3.98 0.47 7.64
N HIS B 189 -5.02 0.72 6.84
CA HIS B 189 -5.43 -0.18 5.77
C HIS B 189 -5.62 0.59 4.49
N ARG B 190 -5.37 -0.02 3.33
CA ARG B 190 -5.56 0.73 2.11
C ARG B 190 -6.74 0.23 1.28
N TYR B 191 -7.59 1.17 0.86
CA TYR B 191 -8.70 0.99 -0.06
C TYR B 191 -8.27 1.71 -1.35
N LYS B 192 -7.99 0.95 -2.43
CA LYS B 192 -7.52 1.48 -3.72
C LYS B 192 -6.24 2.32 -3.50
N LYS B 193 -6.19 3.56 -4.03
CA LYS B 193 -5.04 4.47 -3.87
C LYS B 193 -5.13 5.32 -2.57
N LYS B 194 -6.11 5.01 -1.67
CA LYS B 194 -6.34 5.72 -0.39
C LYS B 194 -6.04 4.85 0.86
N TYR B 195 -5.48 5.46 1.93
CA TYR B 195 -5.14 4.80 3.21
C TYR B 195 -6.00 5.32 4.37
N VAL B 196 -6.55 4.42 5.20
CA VAL B 196 -7.37 4.84 6.34
C VAL B 196 -6.97 4.12 7.65
N THR B 197 -6.48 4.95 8.60
CA THR B 197 -6.06 4.54 9.94
C THR B 197 -7.27 4.64 10.87
N THR B 198 -7.88 3.45 11.16
CA THR B 198 -9.08 3.28 11.99
C THR B 198 -8.67 3.07 13.46
N LEU B 199 -9.29 3.83 14.37
CA LEU B 199 -9.01 3.79 15.81
C LEU B 199 -10.22 3.32 16.61
N LEU B 200 -10.14 2.11 17.19
CA LEU B 200 -11.25 1.60 18.00
C LEU B 200 -11.07 1.83 19.51
N TYR B 201 -12.03 2.56 20.12
CA TYR B 201 -12.06 2.83 21.55
C TYR B 201 -12.94 1.75 22.23
N LYS B 202 -12.28 0.69 22.71
CA LYS B 202 -12.92 -0.49 23.28
C LYS B 202 -12.69 -0.71 24.77
N PRO B 203 -13.77 -0.72 25.57
CA PRO B 203 -13.62 -1.07 26.99
C PRO B 203 -13.36 -2.58 27.10
N ILE B 204 -12.56 -2.99 28.11
CA ILE B 204 -12.20 -4.40 28.29
C ILE B 204 -12.51 -4.90 29.69
N SER C 25 -32.07 21.22 -13.38
CA SER C 25 -30.85 20.46 -13.72
C SER C 25 -29.73 21.39 -14.19
N SER C 26 -29.10 22.10 -13.24
CA SER C 26 -27.98 23.01 -13.50
C SER C 26 -26.72 22.25 -13.93
N VAL C 27 -25.62 22.97 -14.23
CA VAL C 27 -24.35 22.35 -14.62
C VAL C 27 -23.74 21.61 -13.42
N TYR C 28 -23.91 22.18 -12.21
CA TYR C 28 -23.41 21.62 -10.96
C TYR C 28 -24.10 20.33 -10.64
N THR C 29 -25.44 20.25 -10.89
CA THR C 29 -26.22 19.03 -10.64
C THR C 29 -25.59 17.88 -11.44
N THR C 30 -25.30 18.13 -12.75
CA THR C 30 -24.66 17.18 -13.65
C THR C 30 -23.17 16.95 -13.26
N PHE C 31 -22.53 17.94 -12.61
CA PHE C 31 -21.13 17.81 -12.16
C PHE C 31 -21.03 16.91 -10.93
N MET C 32 -21.97 17.07 -9.98
CA MET C 32 -22.04 16.28 -8.76
C MET C 32 -22.49 14.86 -9.09
N LYS C 33 -23.44 14.73 -10.05
CA LYS C 33 -23.96 13.45 -10.53
C LYS C 33 -22.88 12.57 -11.19
N SER C 34 -21.80 13.19 -11.72
CA SER C 34 -20.71 12.50 -12.40
C SER C 34 -19.61 11.94 -11.47
N HIS C 35 -19.27 12.65 -10.38
CA HIS C 35 -18.18 12.28 -9.47
C HIS C 35 -18.54 11.37 -8.30
N ARG C 36 -17.73 10.30 -8.12
CA ARG C 36 -17.81 9.32 -7.03
C ARG C 36 -17.41 9.99 -5.69
N CYS C 37 -17.90 9.44 -4.55
CA CYS C 37 -17.56 9.91 -3.20
C CYS C 37 -16.07 9.66 -2.92
N TYR C 38 -15.54 8.52 -3.44
CA TYR C 38 -14.14 8.10 -3.35
C TYR C 38 -13.21 9.25 -3.71
N ASP C 39 -13.54 10.00 -4.78
CA ASP C 39 -12.75 11.12 -5.29
C ASP C 39 -12.45 12.15 -4.19
N LEU C 40 -13.37 12.36 -3.23
CA LEU C 40 -13.17 13.30 -2.12
C LEU C 40 -12.37 12.70 -0.95
N ILE C 41 -12.30 11.35 -0.85
CA ILE C 41 -11.55 10.67 0.22
C ILE C 41 -10.07 11.06 0.11
N PRO C 42 -9.48 11.69 1.15
CA PRO C 42 -8.06 12.05 1.07
C PRO C 42 -7.14 10.85 0.98
N THR C 43 -5.94 11.11 0.47
CA THR C 43 -4.87 10.16 0.23
C THR C 43 -4.54 9.32 1.51
N SER C 44 -4.54 9.94 2.72
CA SER C 44 -4.34 9.25 4.02
C SER C 44 -5.03 9.97 5.19
N SER C 45 -6.15 9.40 5.68
CA SER C 45 -6.91 9.99 6.79
C SER C 45 -6.96 9.10 8.05
N LYS C 46 -7.45 9.69 9.15
CA LYS C 46 -7.65 9.06 10.44
C LYS C 46 -9.16 8.90 10.60
N LEU C 47 -9.59 7.78 11.22
CA LEU C 47 -11.00 7.50 11.51
C LEU C 47 -11.09 6.99 12.94
N VAL C 48 -11.93 7.62 13.77
CA VAL C 48 -12.11 7.23 15.17
C VAL C 48 -13.46 6.53 15.40
N VAL C 49 -13.44 5.26 15.78
CA VAL C 49 -14.65 4.47 16.05
C VAL C 49 -14.79 4.21 17.57
N PHE C 50 -16.03 4.31 18.06
CA PHE C 50 -16.33 4.05 19.47
C PHE C 50 -17.24 2.85 19.61
N ASP C 51 -16.89 1.90 20.51
CA ASP C 51 -17.79 0.79 20.80
C ASP C 51 -18.93 1.41 21.62
N THR C 52 -20.19 0.97 21.43
CA THR C 52 -21.37 1.51 22.13
C THR C 52 -21.25 1.37 23.66
N SER C 53 -20.48 0.36 24.11
CA SER C 53 -20.20 0.03 25.51
C SER C 53 -19.28 1.03 26.22
N LEU C 54 -18.52 1.82 25.45
CA LEU C 54 -17.60 2.84 25.99
C LEU C 54 -18.36 3.92 26.79
N GLN C 55 -17.75 4.41 27.89
CA GLN C 55 -18.31 5.48 28.72
C GLN C 55 -18.49 6.75 27.86
N VAL C 56 -19.62 7.44 28.04
CA VAL C 56 -19.95 8.59 27.21
C VAL C 56 -19.00 9.79 27.44
N LYS C 57 -18.44 9.97 28.67
CA LYS C 57 -17.51 11.08 28.96
C LYS C 57 -16.18 10.87 28.23
N LYS C 58 -15.74 9.58 28.15
CA LYS C 58 -14.50 9.12 27.51
C LYS C 58 -14.60 9.37 26.03
N ALA C 59 -15.79 9.08 25.47
CA ALA C 59 -16.12 9.27 24.07
C ALA C 59 -15.88 10.72 23.64
N PHE C 60 -16.47 11.67 24.37
CA PHE C 60 -16.31 13.10 24.09
C PHE C 60 -14.87 13.55 24.25
N PHE C 61 -14.17 13.07 25.31
CA PHE C 61 -12.78 13.43 25.52
C PHE C 61 -11.93 12.97 24.36
N ALA C 62 -12.21 11.74 23.85
CA ALA C 62 -11.50 11.15 22.72
C ALA C 62 -11.65 11.99 21.46
N LEU C 63 -12.85 12.56 21.21
CA LEU C 63 -13.13 13.40 20.05
C LEU C 63 -12.15 14.57 20.04
N VAL C 64 -11.97 15.19 21.22
CA VAL C 64 -11.10 16.32 21.45
C VAL C 64 -9.65 15.89 21.29
N THR C 65 -9.18 14.91 22.09
CA THR C 65 -7.79 14.44 22.06
C THR C 65 -7.33 13.91 20.72
N ASN C 66 -8.27 13.49 19.85
CA ASN C 66 -7.93 13.04 18.49
C ASN C 66 -8.09 14.17 17.48
N GLY C 67 -8.93 15.13 17.82
CA GLY C 67 -9.21 16.27 16.96
C GLY C 67 -10.13 15.87 15.83
N VAL C 68 -11.40 15.54 16.18
CA VAL C 68 -12.42 15.16 15.20
C VAL C 68 -13.84 15.58 15.72
N ARG C 69 -14.60 16.32 14.86
CA ARG C 69 -15.94 16.90 15.18
C ARG C 69 -17.04 15.82 15.35
N ALA C 70 -16.74 14.54 14.99
CA ALA C 70 -17.64 13.38 15.07
C ALA C 70 -16.92 12.05 14.93
N ALA C 71 -17.59 10.91 15.30
CA ALA C 71 -17.04 9.55 15.24
C ALA C 71 -18.12 8.48 15.12
N PRO C 72 -17.99 7.53 14.18
CA PRO C 72 -19.02 6.47 14.07
C PRO C 72 -19.03 5.48 15.22
N LEU C 73 -20.22 4.97 15.54
CA LEU C 73 -20.44 4.01 16.63
C LEU C 73 -20.54 2.59 16.12
N TRP C 74 -20.04 1.64 16.91
CA TRP C 74 -20.00 0.21 16.59
C TRP C 74 -20.66 -0.59 17.71
N ASP C 75 -21.77 -1.29 17.40
CA ASP C 75 -22.42 -2.16 18.40
C ASP C 75 -21.77 -3.52 18.23
N SER C 76 -20.92 -3.88 19.20
CA SER C 76 -20.18 -5.14 19.19
C SER C 76 -21.11 -6.34 19.23
N LYS C 77 -22.22 -6.23 19.98
CA LYS C 77 -23.24 -7.29 20.08
C LYS C 77 -24.02 -7.47 18.75
N LYS C 78 -24.43 -6.35 18.12
CA LYS C 78 -25.16 -6.34 16.84
C LYS C 78 -24.26 -6.53 15.62
N GLN C 79 -22.92 -6.37 15.80
CA GLN C 79 -21.87 -6.49 14.80
C GLN C 79 -22.12 -5.59 13.59
N SER C 80 -22.43 -4.31 13.86
CA SER C 80 -22.73 -3.26 12.86
C SER C 80 -22.63 -1.85 13.42
N PHE C 81 -22.35 -0.86 12.54
CA PHE C 81 -22.29 0.56 12.90
C PHE C 81 -23.73 1.04 13.02
N VAL C 82 -24.19 1.27 14.25
CA VAL C 82 -25.58 1.63 14.58
C VAL C 82 -25.88 3.16 14.59
N GLY C 83 -24.85 3.98 14.45
CA GLY C 83 -25.00 5.43 14.45
C GLY C 83 -23.70 6.20 14.50
N MET C 84 -23.77 7.44 14.98
CA MET C 84 -22.65 8.38 15.09
C MET C 84 -22.76 9.23 16.31
N LEU C 85 -21.62 9.52 16.93
CA LEU C 85 -21.52 10.42 18.07
C LEU C 85 -20.93 11.74 17.54
N THR C 86 -21.63 12.86 17.78
CA THR C 86 -21.25 14.21 17.37
C THR C 86 -21.25 15.13 18.60
N ILE C 87 -21.01 16.44 18.39
CA ILE C 87 -21.04 17.44 19.47
C ILE C 87 -22.50 17.62 19.91
N THR C 88 -23.44 17.42 18.96
CA THR C 88 -24.89 17.50 19.17
C THR C 88 -25.30 16.58 20.34
N ASP C 89 -24.63 15.40 20.45
CA ASP C 89 -24.85 14.45 21.54
C ASP C 89 -24.46 15.10 22.89
N PHE C 90 -23.29 15.79 22.92
CA PHE C 90 -22.79 16.49 24.10
C PHE C 90 -23.80 17.57 24.51
N ILE C 91 -24.20 18.42 23.53
CA ILE C 91 -25.17 19.50 23.73
C ILE C 91 -26.47 18.97 24.33
N ASN C 92 -26.97 17.80 23.85
CA ASN C 92 -28.20 17.18 24.37
C ASN C 92 -28.04 16.60 25.78
N ILE C 93 -26.87 15.93 26.07
CA ILE C 93 -26.57 15.36 27.41
C ILE C 93 -26.40 16.50 28.41
N LEU C 94 -25.40 17.36 28.14
CA LEU C 94 -25.03 18.54 28.92
C LEU C 94 -26.25 19.42 29.29
N HIS C 95 -27.30 19.42 28.47
CA HIS C 95 -28.49 20.19 28.76
C HIS C 95 -29.49 19.36 29.55
N ARG C 96 -29.83 18.17 29.06
CA ARG C 96 -30.79 17.29 29.72
C ARG C 96 -30.44 17.02 31.18
N TYR C 97 -29.15 16.76 31.47
CA TYR C 97 -28.69 16.36 32.80
C TYR C 97 -27.93 17.39 33.66
N TYR C 98 -27.84 18.68 33.26
CA TYR C 98 -27.13 19.65 34.09
C TYR C 98 -27.97 20.04 35.27
N LYS C 99 -27.64 19.54 36.47
CA LYS C 99 -28.39 19.88 37.68
C LYS C 99 -27.92 21.24 38.17
N SER C 100 -26.59 21.41 38.37
CA SER C 100 -26.01 22.70 38.79
C SER C 100 -24.48 22.75 38.78
N ALA C 101 -23.94 23.95 39.08
CA ALA C 101 -22.52 24.24 39.20
C ALA C 101 -21.97 23.66 40.52
N LEU C 102 -22.87 23.28 41.44
CA LEU C 102 -22.53 22.69 42.73
C LEU C 102 -22.56 21.18 42.74
N VAL C 103 -23.32 20.59 41.83
CA VAL C 103 -23.46 19.14 41.72
C VAL C 103 -23.04 18.68 40.32
N GLN C 104 -22.05 17.78 40.30
CA GLN C 104 -21.50 17.20 39.09
C GLN C 104 -22.56 16.46 38.29
N ILE C 105 -22.55 16.63 36.94
CA ILE C 105 -23.48 15.99 36.00
C ILE C 105 -23.19 14.50 36.09
N TYR C 106 -23.92 13.79 36.99
CA TYR C 106 -23.71 12.37 37.26
C TYR C 106 -23.81 11.56 35.98
N GLU C 107 -25.00 11.58 35.34
CA GLU C 107 -25.32 10.85 34.11
C GLU C 107 -24.18 10.83 33.10
N LEU C 108 -23.68 12.01 32.68
CA LEU C 108 -22.55 12.14 31.75
C LEU C 108 -21.30 11.42 32.25
N GLU C 109 -20.95 11.64 33.54
CA GLU C 109 -19.77 11.04 34.15
C GLU C 109 -19.87 9.51 34.33
N GLU C 110 -21.11 8.93 34.34
CA GLU C 110 -21.24 7.48 34.50
C GLU C 110 -22.22 6.77 33.51
N HIS C 111 -22.42 7.33 32.31
CA HIS C 111 -23.27 6.70 31.30
C HIS C 111 -22.40 6.03 30.25
N LYS C 112 -22.92 4.98 29.60
CA LYS C 112 -22.28 4.34 28.45
C LYS C 112 -22.89 5.02 27.23
N ILE C 113 -22.34 4.82 26.03
CA ILE C 113 -22.92 5.46 24.84
C ILE C 113 -24.27 4.83 24.53
N GLU C 114 -24.34 3.47 24.57
CA GLU C 114 -25.56 2.69 24.34
C GLU C 114 -26.70 3.08 25.29
N THR C 115 -26.37 3.38 26.58
CA THR C 115 -27.35 3.82 27.58
C THR C 115 -27.84 5.22 27.24
N TRP C 116 -26.97 6.14 26.77
CA TRP C 116 -27.46 7.46 26.39
C TRP C 116 -28.28 7.40 25.09
N ARG C 117 -27.83 6.63 24.08
CA ARG C 117 -28.59 6.49 22.84
C ARG C 117 -29.97 5.85 23.09
N GLU C 118 -30.11 5.10 24.22
CA GLU C 118 -31.38 4.51 24.66
C GLU C 118 -32.33 5.62 25.16
N VAL C 119 -31.76 6.68 25.82
CA VAL C 119 -32.47 7.84 26.38
C VAL C 119 -33.01 8.69 25.24
N TYR C 120 -32.10 9.21 24.39
CA TYR C 120 -32.42 10.01 23.22
C TYR C 120 -32.97 9.05 22.17
N LEU C 121 -33.89 9.56 21.31
CA LEU C 121 -34.55 8.87 20.20
C LEU C 121 -35.05 7.42 20.51
N GLN C 122 -36.11 7.31 21.34
CA GLN C 122 -36.69 6.02 21.70
C GLN C 122 -38.04 5.84 21.01
N PRO C 127 -32.08 5.17 12.29
CA PRO C 127 -31.02 4.21 11.92
C PRO C 127 -29.80 4.90 11.30
N LEU C 128 -28.71 4.13 11.09
CA LEU C 128 -27.46 4.63 10.51
C LEU C 128 -27.56 4.92 9.00
N VAL C 129 -27.45 6.21 8.66
CA VAL C 129 -27.48 6.77 7.31
C VAL C 129 -26.03 6.86 6.82
N CYS C 130 -25.75 6.27 5.64
CA CYS C 130 -24.41 6.22 5.04
C CYS C 130 -24.43 6.22 3.50
N ILE C 131 -23.24 6.14 2.87
CA ILE C 131 -23.10 6.09 1.41
C ILE C 131 -21.92 5.19 0.99
N SER C 132 -21.93 4.71 -0.27
CA SER C 132 -20.89 3.88 -0.83
C SER C 132 -19.86 4.79 -1.52
N PRO C 133 -18.52 4.45 -1.50
CA PRO C 133 -17.53 5.31 -2.19
C PRO C 133 -17.76 5.44 -3.70
N ASN C 134 -18.36 4.38 -4.31
CA ASN C 134 -18.70 4.31 -5.72
C ASN C 134 -20.04 5.01 -6.08
N ALA C 135 -20.63 5.76 -5.09
CA ALA C 135 -21.88 6.53 -5.26
C ALA C 135 -21.55 7.98 -5.61
N SER C 136 -22.47 8.67 -6.31
CA SER C 136 -22.24 10.05 -6.71
C SER C 136 -22.29 11.07 -5.55
N LEU C 137 -21.62 12.22 -5.76
CA LEU C 137 -21.55 13.34 -4.84
C LEU C 137 -22.92 13.99 -4.78
N PHE C 138 -23.73 13.75 -5.81
CA PHE C 138 -25.11 14.24 -5.89
C PHE C 138 -25.94 13.50 -4.85
N ASP C 139 -25.87 12.14 -4.86
CA ASP C 139 -26.57 11.24 -3.93
C ASP C 139 -26.14 11.56 -2.51
N ALA C 140 -24.87 12.02 -2.36
CA ALA C 140 -24.25 12.42 -1.10
C ALA C 140 -24.86 13.71 -0.55
N VAL C 141 -25.04 14.75 -1.41
CA VAL C 141 -25.67 16.03 -1.03
C VAL C 141 -27.15 15.79 -0.75
N SER C 142 -27.85 15.06 -1.68
CA SER C 142 -29.25 14.67 -1.55
C SER C 142 -29.48 14.06 -0.18
N SER C 143 -28.65 13.06 0.20
CA SER C 143 -28.71 12.38 1.51
C SER C 143 -28.54 13.35 2.68
N LEU C 144 -27.59 14.29 2.58
CA LEU C 144 -27.34 15.27 3.64
C LEU C 144 -28.58 16.13 3.93
N ILE C 145 -29.25 16.62 2.87
CA ILE C 145 -30.43 17.44 3.06
C ILE C 145 -31.62 16.57 3.41
N ARG C 146 -31.93 15.55 2.57
CA ARG C 146 -33.05 14.60 2.77
C ARG C 146 -33.16 14.07 4.21
N ASN C 147 -32.02 13.58 4.78
CA ASN C 147 -31.95 13.00 6.12
C ASN C 147 -31.73 14.04 7.24
N LYS C 148 -31.57 15.34 6.87
CA LYS C 148 -31.32 16.48 7.77
C LYS C 148 -30.13 16.19 8.69
N ILE C 149 -28.95 16.02 8.06
CA ILE C 149 -27.69 15.64 8.73
C ILE C 149 -26.49 16.48 8.22
N HIS C 150 -25.38 16.46 9.00
CA HIS C 150 -24.14 17.17 8.70
C HIS C 150 -23.00 16.22 8.36
N ARG C 151 -23.00 15.01 8.95
CA ARG C 151 -21.95 14.01 8.78
C ARG C 151 -22.46 12.84 7.97
N LEU C 152 -21.70 12.41 6.94
CA LEU C 152 -22.13 11.27 6.12
C LEU C 152 -21.01 10.22 5.98
N PRO C 153 -21.11 9.09 6.72
CA PRO C 153 -20.06 8.07 6.62
C PRO C 153 -20.03 7.35 5.27
N VAL C 154 -18.84 7.30 4.68
CA VAL C 154 -18.61 6.59 3.43
C VAL C 154 -18.16 5.21 3.89
N ILE C 155 -19.00 4.17 3.64
CA ILE C 155 -18.80 2.77 4.02
C ILE C 155 -18.72 1.87 2.79
N ASP C 156 -17.63 1.09 2.65
CA ASP C 156 -17.41 0.21 1.49
C ASP C 156 -18.34 -1.00 1.49
N PRO C 157 -19.13 -1.21 0.42
CA PRO C 157 -20.04 -2.36 0.39
C PRO C 157 -19.34 -3.71 0.38
N GLU C 158 -18.11 -3.76 -0.21
CA GLU C 158 -17.30 -4.98 -0.32
C GLU C 158 -16.81 -5.43 1.06
N SER C 159 -16.02 -4.58 1.74
CA SER C 159 -15.45 -4.84 3.05
C SER C 159 -16.46 -4.73 4.20
N GLY C 160 -17.32 -3.72 4.14
CA GLY C 160 -18.29 -3.42 5.17
C GLY C 160 -17.82 -2.36 6.15
N ASN C 161 -16.57 -1.83 5.98
CA ASN C 161 -16.01 -0.82 6.87
C ASN C 161 -16.09 0.59 6.37
N THR C 162 -16.14 1.56 7.32
CA THR C 162 -16.19 3.00 7.08
C THR C 162 -14.79 3.44 6.73
N LEU C 163 -14.68 4.24 5.67
CA LEU C 163 -13.40 4.76 5.17
C LEU C 163 -13.22 6.23 5.56
N TYR C 164 -14.21 7.07 5.24
CA TYR C 164 -14.12 8.50 5.46
C TYR C 164 -15.48 9.11 5.80
N ILE C 165 -15.49 10.22 6.55
CA ILE C 165 -16.73 10.91 6.87
C ILE C 165 -16.86 12.18 6.02
N LEU C 166 -17.88 12.18 5.15
CA LEU C 166 -18.16 13.25 4.20
C LEU C 166 -18.94 14.40 4.85
N THR C 167 -18.34 15.60 4.83
CA THR C 167 -18.90 16.83 5.38
C THR C 167 -19.32 17.80 4.28
N HIS C 168 -20.28 18.69 4.58
CA HIS C 168 -20.74 19.72 3.64
C HIS C 168 -19.56 20.55 3.15
N LYS C 169 -18.68 20.99 4.11
CA LYS C 169 -17.46 21.79 3.90
C LYS C 169 -16.56 21.19 2.80
N ARG C 170 -16.27 19.87 2.90
CA ARG C 170 -15.45 19.12 1.94
C ARG C 170 -16.08 19.14 0.55
N ILE C 171 -17.39 18.87 0.46
CA ILE C 171 -18.15 18.82 -0.78
C ILE C 171 -18.14 20.18 -1.51
N LEU C 172 -18.48 21.27 -0.79
CA LEU C 172 -18.48 22.62 -1.34
C LEU C 172 -17.06 23.08 -1.71
N LYS C 173 -16.03 22.71 -0.89
CA LYS C 173 -14.61 23.04 -1.15
C LYS C 173 -14.18 22.54 -2.53
N PHE C 174 -14.62 21.31 -2.90
CA PHE C 174 -14.35 20.64 -4.17
C PHE C 174 -15.19 21.21 -5.31
N LEU C 175 -16.48 21.49 -5.04
CA LEU C 175 -17.39 22.07 -6.03
C LEU C 175 -16.87 23.43 -6.44
N LYS C 176 -16.22 24.17 -5.49
CA LYS C 176 -15.63 25.49 -5.72
C LYS C 176 -14.59 25.41 -6.84
N LEU C 177 -13.73 24.36 -6.82
CA LEU C 177 -12.71 24.09 -7.83
C LEU C 177 -13.29 24.08 -9.23
N PHE C 178 -14.55 23.61 -9.38
CA PHE C 178 -15.26 23.57 -10.67
C PHE C 178 -15.67 24.95 -11.14
N ILE C 179 -16.42 25.71 -10.31
CA ILE C 179 -16.94 27.00 -10.71
C ILE C 179 -15.84 28.11 -10.87
N THR C 180 -14.66 27.99 -10.21
CA THR C 180 -13.58 28.98 -10.42
C THR C 180 -12.97 28.89 -11.84
N GLU C 181 -13.02 27.69 -12.44
CA GLU C 181 -12.45 27.40 -13.75
C GLU C 181 -13.50 27.33 -14.86
N PHE C 182 -14.75 26.98 -14.49
CA PHE C 182 -15.89 26.85 -15.40
C PHE C 182 -16.67 28.18 -15.49
N PRO C 183 -17.19 28.58 -16.69
CA PRO C 183 -17.94 29.84 -16.79
C PRO C 183 -19.25 29.88 -16.02
N LYS C 184 -19.36 30.90 -15.16
CA LYS C 184 -20.45 31.17 -14.21
C LYS C 184 -21.81 31.45 -14.88
N PRO C 185 -22.88 30.75 -14.42
CA PRO C 185 -24.23 31.01 -14.98
C PRO C 185 -24.85 32.27 -14.39
N GLU C 186 -25.90 32.78 -15.08
CA GLU C 186 -26.66 34.00 -14.77
C GLU C 186 -27.08 34.13 -13.30
N PHE C 187 -27.46 33.01 -12.66
CA PHE C 187 -27.92 33.01 -11.27
C PHE C 187 -26.80 33.25 -10.23
N MET C 188 -25.52 32.98 -10.60
CA MET C 188 -24.36 33.17 -9.71
C MET C 188 -24.04 34.66 -9.49
N SER C 189 -24.39 35.48 -10.48
CA SER C 189 -24.21 36.93 -10.53
C SER C 189 -25.25 37.66 -9.68
N LYS C 190 -26.46 37.08 -9.56
CA LYS C 190 -27.60 37.62 -8.82
C LYS C 190 -27.35 37.71 -7.30
N SER C 191 -28.11 38.60 -6.61
CA SER C 191 -28.00 38.85 -5.17
C SER C 191 -28.67 37.79 -4.30
N LEU C 192 -28.12 37.57 -3.09
CA LEU C 192 -28.62 36.64 -2.07
C LEU C 192 -30.08 36.92 -1.79
N GLU C 193 -30.41 38.22 -1.67
CA GLU C 193 -31.74 38.76 -1.41
C GLU C 193 -32.72 38.30 -2.50
N GLU C 194 -32.46 38.66 -3.79
CA GLU C 194 -33.32 38.30 -4.92
C GLU C 194 -33.33 36.79 -5.22
N LEU C 195 -32.24 36.07 -4.89
CA LEU C 195 -32.15 34.61 -5.06
C LEU C 195 -32.89 33.86 -3.95
N GLN C 196 -33.03 34.50 -2.76
CA GLN C 196 -33.72 33.96 -1.57
C GLN C 196 -33.10 32.63 -1.09
N ILE C 197 -31.84 32.66 -0.63
CA ILE C 197 -31.15 31.48 -0.12
C ILE C 197 -30.78 31.74 1.33
N GLY C 198 -31.08 30.79 2.21
CA GLY C 198 -30.80 30.91 3.64
C GLY C 198 -32.03 31.32 4.45
N THR C 199 -32.00 31.03 5.77
CA THR C 199 -33.11 31.35 6.67
C THR C 199 -33.05 32.81 7.07
N TYR C 200 -34.18 33.50 6.94
CA TYR C 200 -34.31 34.92 7.26
C TYR C 200 -35.44 35.16 8.25
N ALA C 201 -36.23 34.10 8.56
CA ALA C 201 -37.36 34.19 9.50
C ALA C 201 -37.11 33.41 10.79
N ASN C 202 -37.39 34.05 11.95
CA ASN C 202 -37.25 33.49 13.31
C ASN C 202 -35.82 32.98 13.60
N ILE C 203 -34.84 33.90 13.49
CA ILE C 203 -33.41 33.67 13.70
C ILE C 203 -33.07 33.70 15.20
N ALA C 204 -32.73 32.51 15.76
CA ALA C 204 -32.37 32.34 17.17
C ALA C 204 -31.04 33.01 17.50
N MET C 205 -31.08 34.09 18.30
CA MET C 205 -29.91 34.87 18.72
C MET C 205 -29.80 34.92 20.23
N VAL C 206 -28.57 34.91 20.77
CA VAL C 206 -28.35 35.03 22.22
C VAL C 206 -27.87 36.43 22.55
N ARG C 207 -27.75 36.71 23.85
CA ARG C 207 -27.26 37.99 24.34
C ARG C 207 -25.90 37.77 24.97
N THR C 208 -25.19 38.86 25.28
CA THR C 208 -23.87 38.84 25.90
C THR C 208 -23.93 38.12 27.25
N THR C 209 -24.94 38.46 28.08
CA THR C 209 -25.21 37.96 29.44
C THR C 209 -25.83 36.55 29.51
N THR C 210 -26.42 36.06 28.39
CA THR C 210 -27.07 34.74 28.28
C THR C 210 -26.09 33.65 28.73
N PRO C 211 -26.47 32.74 29.66
CA PRO C 211 -25.53 31.68 30.06
C PRO C 211 -25.48 30.52 29.06
N VAL C 212 -24.41 29.72 29.15
CA VAL C 212 -24.17 28.55 28.30
C VAL C 212 -25.32 27.55 28.40
N TYR C 213 -25.88 27.36 29.61
CA TYR C 213 -27.01 26.45 29.77
C TYR C 213 -28.21 26.86 28.91
N VAL C 214 -28.59 28.17 28.92
CA VAL C 214 -29.70 28.72 28.11
C VAL C 214 -29.37 28.51 26.64
N ALA C 215 -28.12 28.83 26.23
CA ALA C 215 -27.61 28.68 24.87
C ALA C 215 -27.84 27.25 24.34
N LEU C 216 -27.39 26.21 25.12
CA LEU C 216 -27.55 24.78 24.82
C LEU C 216 -29.01 24.46 24.62
N GLY C 217 -29.86 25.04 25.47
CA GLY C 217 -31.31 24.91 25.42
C GLY C 217 -31.81 25.31 24.06
N ILE C 218 -31.43 26.51 23.60
CA ILE C 218 -31.83 27.03 22.30
C ILE C 218 -31.34 26.09 21.19
N PHE C 219 -30.06 25.67 21.22
CA PHE C 219 -29.51 24.71 20.24
C PHE C 219 -30.41 23.49 20.14
N VAL C 220 -30.86 22.94 21.31
CA VAL C 220 -31.72 21.75 21.40
C VAL C 220 -33.11 21.99 20.78
N GLN C 221 -33.88 22.96 21.32
CA GLN C 221 -35.26 23.23 20.89
C GLN C 221 -35.37 23.85 19.47
N HIS C 222 -34.37 24.64 19.03
CA HIS C 222 -34.40 25.31 17.72
C HIS C 222 -33.71 24.50 16.61
N ARG C 223 -32.97 23.44 16.98
CA ARG C 223 -32.25 22.53 16.06
C ARG C 223 -31.21 23.27 15.14
N VAL C 224 -30.76 24.46 15.57
CA VAL C 224 -29.78 25.29 14.88
C VAL C 224 -28.34 24.87 15.21
N SER C 225 -27.36 25.29 14.38
CA SER C 225 -25.95 24.98 14.61
C SER C 225 -25.24 26.12 15.33
N ALA C 226 -25.61 27.39 15.05
CA ALA C 226 -24.98 28.54 15.72
C ALA C 226 -25.93 29.67 16.11
N LEU C 227 -25.54 30.44 17.14
CA LEU C 227 -26.29 31.54 17.72
C LEU C 227 -25.45 32.81 17.79
N PRO C 228 -25.90 33.90 17.15
CA PRO C 228 -25.15 35.18 17.25
C PRO C 228 -25.37 35.84 18.61
N VAL C 229 -24.29 36.42 19.15
CA VAL C 229 -24.25 37.08 20.47
C VAL C 229 -24.36 38.62 20.31
N VAL C 230 -25.49 39.22 20.75
CA VAL C 230 -25.69 40.67 20.63
C VAL C 230 -25.22 41.44 21.88
N ASP C 231 -24.73 42.67 21.68
CA ASP C 231 -24.25 43.54 22.76
C ASP C 231 -25.45 44.12 23.51
N GLU C 232 -25.18 44.79 24.65
CA GLU C 232 -26.19 45.48 25.45
C GLU C 232 -26.74 46.59 24.54
N LYS C 233 -25.87 47.10 23.64
CA LYS C 233 -26.17 48.12 22.65
C LYS C 233 -27.05 47.58 21.51
N GLY C 234 -26.89 46.29 21.16
CA GLY C 234 -27.68 45.65 20.12
C GLY C 234 -26.91 45.20 18.88
N ARG C 235 -25.62 45.55 18.80
CA ARG C 235 -24.76 45.15 17.68
C ARG C 235 -24.21 43.75 17.99
N VAL C 236 -24.11 42.86 16.98
CA VAL C 236 -23.63 41.49 17.18
C VAL C 236 -22.11 41.49 17.45
N VAL C 237 -21.73 41.17 18.70
CA VAL C 237 -20.33 41.14 19.14
C VAL C 237 -19.59 39.86 18.75
N ASP C 238 -20.26 38.71 18.83
CA ASP C 238 -19.65 37.40 18.61
C ASP C 238 -20.65 36.43 17.94
N ILE C 239 -20.39 35.11 18.11
CA ILE C 239 -21.22 34.02 17.64
C ILE C 239 -20.84 32.71 18.37
N TYR C 240 -21.83 32.11 19.11
CA TYR C 240 -21.69 30.85 19.85
C TYR C 240 -22.16 29.70 18.95
N SER C 241 -21.38 28.63 18.83
CA SER C 241 -21.69 27.52 17.92
C SER C 241 -21.49 26.13 18.54
N LYS C 242 -22.08 25.09 17.92
CA LYS C 242 -21.97 23.70 18.35
C LYS C 242 -20.51 23.34 18.61
N PHE C 243 -19.58 23.93 17.85
CA PHE C 243 -18.14 23.69 17.98
C PHE C 243 -17.55 24.37 19.21
N ASP C 244 -18.07 25.54 19.59
CA ASP C 244 -17.59 26.25 20.77
C ASP C 244 -17.82 25.37 22.02
N VAL C 245 -18.98 24.68 22.05
CA VAL C 245 -19.42 23.80 23.11
C VAL C 245 -18.36 22.76 23.46
N ILE C 246 -17.59 22.22 22.48
CA ILE C 246 -16.57 21.22 22.80
C ILE C 246 -15.42 21.76 23.65
N ASN C 247 -15.23 23.09 23.71
CA ASN C 247 -14.16 23.61 24.55
C ASN C 247 -14.45 23.34 26.04
N LEU C 248 -15.75 23.14 26.40
CA LEU C 248 -16.19 22.78 27.76
C LEU C 248 -15.62 21.39 28.08
N ALA C 249 -15.63 20.50 27.09
CA ALA C 249 -15.08 19.17 27.23
C ALA C 249 -13.54 19.29 27.30
N ALA C 250 -12.93 19.95 26.28
CA ALA C 250 -11.50 20.20 26.13
C ALA C 250 -10.85 20.77 27.42
N GLU C 251 -11.31 21.95 27.88
CA GLU C 251 -10.79 22.64 29.06
C GLU C 251 -11.35 22.07 30.38
N LYS C 252 -12.08 20.92 30.29
CA LYS C 252 -12.69 20.21 31.43
C LYS C 252 -13.43 21.23 32.33
N THR C 253 -14.21 22.14 31.70
CA THR C 253 -14.95 23.25 32.33
C THR C 253 -16.50 23.08 32.23
N TYR C 254 -16.97 22.02 31.55
CA TYR C 254 -18.37 21.60 31.34
C TYR C 254 -19.28 21.58 32.57
N ASN C 255 -18.70 21.44 33.80
CA ASN C 255 -19.48 21.31 35.04
C ASN C 255 -20.20 22.61 35.50
N ASN C 256 -19.88 23.75 34.89
CA ASN C 256 -20.55 25.02 35.18
C ASN C 256 -21.04 25.62 33.86
N LEU C 257 -22.36 25.64 33.68
CA LEU C 257 -22.97 26.17 32.48
C LEU C 257 -23.67 27.54 32.75
N ASP C 258 -23.58 28.02 34.02
CA ASP C 258 -24.11 29.31 34.53
C ASP C 258 -23.31 30.52 34.00
N VAL C 259 -22.10 30.24 33.44
CA VAL C 259 -21.22 31.28 32.88
C VAL C 259 -21.81 31.85 31.62
N SER C 260 -21.72 33.19 31.46
CA SER C 260 -22.19 33.89 30.29
C SER C 260 -21.50 33.34 29.04
N VAL C 261 -22.21 33.39 27.91
CA VAL C 261 -21.74 32.94 26.61
C VAL C 261 -20.41 33.64 26.26
N THR C 262 -20.30 34.95 26.59
CA THR C 262 -19.09 35.78 26.40
C THR C 262 -17.92 35.28 27.25
N LYS C 263 -18.22 34.86 28.53
CA LYS C 263 -17.26 34.29 29.49
C LYS C 263 -16.78 32.94 28.97
N ALA C 264 -17.62 32.24 28.18
CA ALA C 264 -17.26 30.96 27.59
C ALA C 264 -16.34 31.17 26.39
N LEU C 265 -16.68 32.16 25.54
CA LEU C 265 -15.90 32.50 24.35
C LEU C 265 -14.56 33.19 24.68
N GLN C 266 -14.25 33.36 25.98
CA GLN C 266 -13.00 33.97 26.46
C GLN C 266 -11.77 33.12 26.15
N HIS C 267 -11.98 31.81 25.86
CA HIS C 267 -10.93 30.84 25.49
C HIS C 267 -10.19 31.26 24.19
N ARG C 268 -10.91 31.89 23.23
CA ARG C 268 -10.41 32.34 21.93
C ARG C 268 -10.23 33.87 21.88
N LEU C 276 -17.84 36.06 10.94
CA LEU C 276 -17.85 36.90 9.72
C LEU C 276 -19.27 37.34 9.35
N LYS C 277 -19.38 38.29 8.39
CA LYS C 277 -20.65 38.84 7.92
C LYS C 277 -20.74 38.82 6.38
N CYS C 278 -21.94 39.08 5.83
CA CYS C 278 -22.25 39.23 4.40
C CYS C 278 -23.51 40.10 4.20
N TYR C 279 -23.59 40.86 3.09
CA TYR C 279 -24.76 41.71 2.83
C TYR C 279 -25.77 41.08 1.88
N LEU C 280 -27.06 41.43 2.03
CA LEU C 280 -28.18 40.95 1.21
C LEU C 280 -27.95 41.19 -0.28
N HIS C 281 -27.39 42.37 -0.60
CA HIS C 281 -27.13 42.84 -1.95
C HIS C 281 -25.99 42.14 -2.69
N GLU C 282 -25.08 41.43 -1.97
CA GLU C 282 -23.93 40.75 -2.57
C GLU C 282 -24.32 39.57 -3.49
N THR C 283 -23.45 39.25 -4.46
CA THR C 283 -23.64 38.16 -5.44
C THR C 283 -23.49 36.80 -4.76
N LEU C 284 -24.09 35.72 -5.34
CA LEU C 284 -23.95 34.36 -4.79
C LEU C 284 -22.50 33.93 -4.90
N GLU C 285 -21.83 34.34 -6.01
CA GLU C 285 -20.42 34.05 -6.29
C GLU C 285 -19.53 34.55 -5.14
N ALA C 286 -19.54 35.88 -4.87
CA ALA C 286 -18.81 36.56 -3.81
C ALA C 286 -19.01 35.90 -2.44
N ILE C 287 -20.27 35.47 -2.16
CA ILE C 287 -20.67 34.78 -0.94
C ILE C 287 -19.99 33.41 -0.87
N ILE C 288 -20.08 32.60 -1.94
CA ILE C 288 -19.46 31.27 -1.98
C ILE C 288 -17.94 31.38 -1.70
N ASN C 289 -17.23 32.32 -2.39
CA ASN C 289 -15.78 32.57 -2.25
C ASN C 289 -15.38 32.80 -0.80
N ARG C 290 -16.22 33.55 -0.05
CA ARG C 290 -16.02 33.86 1.37
C ARG C 290 -16.17 32.60 2.24
N LEU C 291 -17.28 31.84 2.07
CA LEU C 291 -17.56 30.61 2.83
C LEU C 291 -16.42 29.58 2.71
N VAL C 292 -15.92 29.36 1.48
CA VAL C 292 -14.83 28.41 1.24
C VAL C 292 -13.50 28.94 1.78
N GLU C 293 -13.12 30.21 1.45
CA GLU C 293 -11.87 30.82 1.89
C GLU C 293 -11.78 30.87 3.40
N ALA C 294 -12.82 31.41 4.08
CA ALA C 294 -12.86 31.49 5.54
C ALA C 294 -12.91 30.10 6.18
N GLU C 295 -13.31 29.08 5.40
CA GLU C 295 -13.47 27.67 5.79
C GLU C 295 -14.52 27.52 6.93
N VAL C 296 -15.43 28.51 7.06
CA VAL C 296 -16.54 28.57 8.03
C VAL C 296 -17.80 27.82 7.48
N HIS C 297 -18.76 27.45 8.36
CA HIS C 297 -19.96 26.69 7.97
C HIS C 297 -21.21 27.53 7.66
N ARG C 298 -21.16 28.84 7.93
CA ARG C 298 -22.27 29.78 7.69
C ARG C 298 -21.77 31.21 7.63
N LEU C 299 -22.67 32.14 7.29
CA LEU C 299 -22.41 33.57 7.25
C LEU C 299 -23.63 34.32 7.78
N VAL C 300 -23.40 35.31 8.65
CA VAL C 300 -24.48 36.14 9.19
C VAL C 300 -24.85 37.13 8.06
N VAL C 301 -26.15 37.25 7.72
CA VAL C 301 -26.58 38.16 6.65
C VAL C 301 -27.07 39.49 7.23
N VAL C 302 -26.21 40.52 7.19
CA VAL C 302 -26.48 41.86 7.69
C VAL C 302 -27.27 42.70 6.69
N ASP C 303 -28.10 43.65 7.21
CA ASP C 303 -28.94 44.57 6.42
C ASP C 303 -28.05 45.71 5.87
N GLU C 304 -28.20 46.92 6.40
CA GLU C 304 -27.37 48.07 6.08
C GLU C 304 -26.46 48.24 7.29
N HIS C 305 -26.95 47.82 8.46
CA HIS C 305 -26.31 47.95 9.76
C HIS C 305 -25.67 46.68 10.32
N ASP C 306 -25.20 46.79 11.61
CA ASP C 306 -24.56 45.76 12.46
C ASP C 306 -25.58 44.67 12.74
N VAL C 307 -26.85 45.07 13.06
CA VAL C 307 -27.99 44.18 13.26
C VAL C 307 -28.37 43.51 11.89
N VAL C 308 -28.38 42.15 11.88
CA VAL C 308 -28.60 41.28 10.74
C VAL C 308 -30.05 40.91 10.46
N LYS C 309 -30.39 40.72 9.17
CA LYS C 309 -31.72 40.33 8.71
C LYS C 309 -31.93 38.80 8.61
N GLY C 310 -30.85 38.02 8.60
CA GLY C 310 -30.91 36.56 8.54
C GLY C 310 -29.58 35.83 8.54
N ILE C 311 -29.59 34.51 8.22
CA ILE C 311 -28.39 33.66 8.17
C ILE C 311 -28.42 32.67 6.99
N VAL C 312 -27.30 32.61 6.24
CA VAL C 312 -27.11 31.69 5.12
C VAL C 312 -26.11 30.62 5.56
N SER C 313 -26.36 29.36 5.19
CA SER C 313 -25.52 28.24 5.59
C SER C 313 -25.02 27.45 4.39
N LEU C 314 -23.97 26.64 4.60
CA LEU C 314 -23.35 25.74 3.63
C LEU C 314 -24.40 24.78 3.08
N SER C 315 -25.30 24.31 3.96
CA SER C 315 -26.44 23.44 3.67
C SER C 315 -27.32 24.10 2.61
N ASP C 316 -27.70 25.40 2.83
CA ASP C 316 -28.53 26.20 1.92
C ASP C 316 -27.83 26.42 0.59
N ILE C 317 -26.52 26.74 0.62
CA ILE C 317 -25.70 26.94 -0.59
C ILE C 317 -25.71 25.66 -1.43
N LEU C 318 -25.41 24.51 -0.78
CA LEU C 318 -25.35 23.20 -1.41
C LEU C 318 -26.72 22.70 -1.89
N GLN C 319 -27.82 23.02 -1.16
CA GLN C 319 -29.19 22.66 -1.53
C GLN C 319 -29.58 23.40 -2.82
N ALA C 320 -29.13 24.67 -2.92
CA ALA C 320 -29.36 25.57 -4.05
C ALA C 320 -28.52 25.23 -5.30
N LEU C 321 -27.55 24.29 -5.17
CA LEU C 321 -26.72 23.84 -6.30
C LEU C 321 -27.02 22.37 -6.69
N VAL C 322 -27.94 21.72 -5.92
CA VAL C 322 -28.42 20.34 -6.08
C VAL C 322 -29.90 20.28 -5.65
O4 STU D . 24.46 -13.37 -20.12
C25 STU D . 25.34 -12.34 -20.55
C24 STU D . 25.88 -11.45 -19.42
C23 STU D . 25.57 -12.04 -18.05
C22 STU D . 24.08 -12.23 -17.93
C21 STU D . 23.53 -13.13 -19.05
C26 STU D . 23.23 -14.52 -18.49
N2 STU D . 22.26 -12.55 -19.59
C18 STU D . 22.22 -11.74 -20.69
C19 STU D . 23.31 -11.26 -21.60
C6 STU D . 22.97 -10.38 -22.72
C7 STU D . 21.55 -10.01 -22.92
C10 STU D . 20.44 -10.47 -22.06
C11 STU D . 20.81 -11.35 -20.92
C12 STU D . 20.07 -12.02 -19.85
C17 STU D . 21.04 -12.77 -19.01
C16 STU D . 20.53 -13.48 -17.94
C15 STU D . 19.16 -13.44 -17.68
C14 STU D . 18.26 -12.73 -18.48
C13 STU D . 18.71 -12.00 -19.58
C9 STU D . 19.18 -9.93 -22.52
N1 STU D . 19.55 -9.13 -23.71
C8 STU D . 20.88 -9.17 -23.93
O5 STU D . 21.49 -8.57 -24.89
C5 STU D . 24.25 -10.11 -23.37
C20 STU D . 25.27 -10.84 -22.59
C1 STU D . 26.58 -10.73 -23.02
C2 STU D . 26.87 -9.95 -24.14
C3 STU D . 25.89 -9.28 -24.86
C4 STU D . 24.54 -9.35 -24.48
N3 STU D . 24.64 -11.49 -21.54
O6 STU D . 23.45 -10.95 -17.96
C27 STU D . 23.28 -10.39 -16.67
N4 STU D . 26.07 -11.19 -17.00
C28 STU D . 26.26 -11.69 -15.65
H25 STU D . 26.21 -12.80 -21.03
H241 STU D . 25.42 -10.46 -19.48
H242 STU D . 26.95 -11.33 -19.52
H23 STU D . 26.06 -13.03 -17.97
H22 STU D . 23.87 -12.72 -16.98
H261 STU D . 22.49 -14.99 -19.09
H262 STU D . 22.89 -14.43 -17.51
H263 STU D . 24.12 -15.10 -18.51
H16 STU D . 21.18 -14.05 -17.28
H15 STU D . 18.78 -14.01 -16.83
H14 STU D . 17.21 -12.74 -18.24
H13 STU D . 18.02 -11.44 -20.20
H91 STU D . 18.49 -10.74 -22.79
H92 STU D . 18.71 -9.30 -21.76
HN1 STU D . 18.77 -8.65 -24.20
H1 STU D . 27.37 -11.24 -22.48
H2 STU D . 27.90 -9.88 -24.47
H3 STU D . 26.17 -8.69 -25.73
H4 STU D . 23.78 -8.82 -25.04
H271 STU D . 23.34 -9.34 -16.73
H272 STU D . 24.03 -10.75 -16.01
H273 STU D . 22.33 -10.66 -16.29
HN4 STU D . 26.28 -10.22 -17.20
H281 STU D . 26.79 -10.97 -15.08
H282 STU D . 25.32 -11.87 -15.20
H283 STU D . 26.81 -12.59 -15.68
CL CL E . 27.49 -15.95 -17.06
CL CL F . 25.78 -11.11 -37.17
CL CL G . 22.49 -2.33 -29.58
S SO4 H . 20.51 -26.93 -21.07
O1 SO4 H . 19.48 -27.88 -20.65
O2 SO4 H . 21.81 -27.59 -21.00
O3 SO4 H . 20.24 -26.46 -22.46
O4 SO4 H . 20.50 -25.76 -20.18
P AMP I . -27.01 24.42 9.92
O1P AMP I . -26.41 25.75 10.35
O2P AMP I . -27.71 23.77 11.14
O3P AMP I . -26.03 23.51 9.26
O5' AMP I . -28.16 24.81 8.91
C5' AMP I . -29.44 24.20 8.64
C4' AMP I . -30.52 25.25 8.60
O4' AMP I . -30.51 26.02 9.82
C3' AMP I . -30.45 26.26 7.45
O3' AMP I . -31.70 26.39 6.78
C2' AMP I . -29.96 27.54 8.14
O2' AMP I . -30.34 28.72 7.45
C1' AMP I . -30.62 27.39 9.50
N9 AMP I . -30.05 28.18 10.59
C8 AMP I . -28.74 28.29 10.96
N7 AMP I . -28.52 29.13 11.95
C5 AMP I . -29.79 29.61 12.25
C6 AMP I . -30.25 30.55 13.20
N6 AMP I . -29.45 31.24 14.01
N1 AMP I . -31.58 30.77 13.26
C2 AMP I . -32.39 30.12 12.41
N3 AMP I . -32.07 29.24 11.47
C4 AMP I . -30.74 29.02 11.44
S SO4 J . -22.74 17.92 14.39
O1 SO4 J . -23.86 16.97 14.21
O2 SO4 J . -22.35 18.01 15.79
O3 SO4 J . -21.60 17.45 13.60
O4 SO4 J . -23.14 19.25 13.93
S SO4 K . -19.30 25.59 13.33
O1 SO4 K . -19.72 24.73 12.24
O2 SO4 K . -17.87 25.44 13.59
O3 SO4 K . -19.53 27.01 12.98
O4 SO4 K . -20.08 25.21 14.50
#